data_5AGU
#
_entry.id   5AGU
#
_cell.length_a   87.516
_cell.length_b   87.516
_cell.length_c   199.296
_cell.angle_alpha   90.00
_cell.angle_beta   90.00
_cell.angle_gamma   120.00
#
_symmetry.space_group_name_H-M   'P 61'
#
loop_
_entity.id
_entity.type
_entity.pdbx_description
1 polymer 'DNA POLYMERASE III SUBUNIT BETA'
2 polymer GRISELIMYCIN
3 non-polymer (R,R)-2,3-BUTANEDIOL
4 non-polymer 2-AMINO-2-HYDROXYMETHYL-PROPANE-1,3-DIOL
5 water water
#
loop_
_entity_poly.entity_id
_entity_poly.type
_entity_poly.pdbx_seq_one_letter_code
_entity_poly.pdbx_strand_id
1 'polypeptide(L)'
;GGGRMDAATTRVGLTDLTFRLLRESFADAVSWVAKNLPARPAVPVLSGVLLTGSDNGLTISGFDYEVSAEAQVGAEIVSP
GSVLVSGRLLSDITRALPNKPVDVHVEGNRVALTCGNARFSLPTMPVEDYPTLPTLPEETGLLPAELFAEAISQVAIAAG
RDDTLPMLTGIRVEILGETVVLAATDRFRLAVRELKWSASSPDIEAAVLVPAKTLAEAAKAGIGGSDVRLSLGTGPGVGK
DGLLGISGNGKRSTTRLLDAEFPKFRQLLPTEHTAVATMDVAELIEAIKLVALVADRGAQVRMEFADGSVRLSAGADDVG
RAEEDLVVDYAGEPLTIAFNPTYLTDGLSSLRSERVSFGFTTAGKPALLRPVSGDDRPVAGLNGNGPFPAVSTDYVYLLM
PVRLPG
;
A,B
2 'polypeptide(L)' (ACE)(MVA)(MP8)(NZC)L(MP8)L(MVA)P(MLU)G C,D
#
loop_
_chem_comp.id
_chem_comp.type
_chem_comp.name
_chem_comp.formula
ACE non-polymer 'ACETYL GROUP' 'C2 H4 O'
BU3 non-polymer (R,R)-2,3-BUTANEDIOL 'C4 H10 O2'
TRS non-polymer 2-AMINO-2-HYDROXYMETHYL-PROPANE-1,3-DIOL 'C4 H12 N O3 1'
#
# COMPACT_ATOMS: atom_id res chain seq x y z
N ASP A 16 -22.59 34.54 11.17
CA ASP A 16 -21.67 33.88 12.10
C ASP A 16 -20.24 33.98 11.61
N LEU A 17 -19.47 32.91 11.83
CA LEU A 17 -18.06 32.86 11.45
C LEU A 17 -17.82 33.00 9.95
N THR A 18 -16.84 33.81 9.58
CA THR A 18 -16.42 33.95 8.20
C THR A 18 -14.91 34.19 8.14
N PHE A 19 -14.19 33.39 7.36
CA PHE A 19 -12.75 33.58 7.26
C PHE A 19 -12.16 33.14 5.93
N ARG A 20 -10.88 33.45 5.75
CA ARG A 20 -10.14 33.10 4.55
C ARG A 20 -8.70 32.83 4.92
N LEU A 21 -8.16 31.74 4.40
CA LEU A 21 -6.74 31.45 4.60
C LEU A 21 -6.27 30.51 3.49
N LEU A 22 -4.96 30.29 3.40
CA LEU A 22 -4.42 29.44 2.36
C LEU A 22 -4.67 27.97 2.65
N ARG A 23 -4.91 27.20 1.59
CA ARG A 23 -5.27 25.80 1.72
C ARG A 23 -4.21 24.98 2.46
N GLU A 24 -2.95 25.15 2.08
CA GLU A 24 -1.85 24.39 2.68
C GLU A 24 -1.82 24.57 4.20
N SER A 25 -1.96 25.81 4.66
CA SER A 25 -2.06 26.13 6.07
C SER A 25 -3.28 25.47 6.72
N PHE A 26 -4.44 25.62 6.08
CA PHE A 26 -5.70 25.04 6.53
C PHE A 26 -5.62 23.52 6.67
N ALA A 27 -5.18 22.88 5.59
CA ALA A 27 -5.03 21.42 5.60
C ALA A 27 -4.08 20.95 6.71
N ASP A 28 -3.01 21.70 6.94
CA ASP A 28 -2.01 21.34 7.96
C ASP A 28 -2.63 21.34 9.35
N ALA A 29 -3.41 22.38 9.65
CA ALA A 29 -4.04 22.52 10.95
C ALA A 29 -5.10 21.43 11.14
N VAL A 30 -5.93 21.22 10.13
CA VAL A 30 -6.92 20.17 10.21
C VAL A 30 -6.21 18.80 10.34
N SER A 31 -5.05 18.69 9.68
CA SER A 31 -4.25 17.46 9.68
C SER A 31 -3.80 17.01 11.08
N TRP A 32 -3.27 17.95 11.86
CA TRP A 32 -2.92 17.68 13.25
C TRP A 32 -4.07 17.05 14.02
N VAL A 33 -5.27 17.59 13.83
CA VAL A 33 -6.41 17.15 14.60
C VAL A 33 -6.87 15.77 14.14
N ALA A 34 -6.87 15.59 12.83
CA ALA A 34 -7.23 14.31 12.22
C ALA A 34 -6.24 13.19 12.57
N LYS A 35 -4.94 13.44 12.44
CA LYS A 35 -3.97 12.39 12.75
C LYS A 35 -3.97 12.03 14.25
N ASN A 36 -4.37 12.96 15.11
CA ASN A 36 -4.34 12.68 16.53
C ASN A 36 -5.66 12.15 17.12
N LEU A 37 -6.75 12.18 16.34
CA LEU A 37 -8.02 11.67 16.85
C LEU A 37 -8.38 10.30 16.27
N PRO A 44 -21.48 10.29 17.95
CA PRO A 44 -22.27 11.10 17.01
C PRO A 44 -21.78 12.55 16.96
N VAL A 45 -21.91 13.25 18.08
CA VAL A 45 -21.40 14.62 18.19
C VAL A 45 -19.87 14.59 18.15
N LEU A 46 -19.30 13.44 18.51
CA LEU A 46 -17.85 13.26 18.57
C LEU A 46 -17.22 13.13 17.20
N SER A 47 -18.04 13.15 16.15
CA SER A 47 -17.52 13.07 14.79
C SER A 47 -17.16 14.46 14.26
N GLY A 48 -17.54 15.49 15.01
CA GLY A 48 -17.32 16.87 14.58
C GLY A 48 -15.98 17.45 15.01
N VAL A 49 -15.50 18.43 14.26
CA VAL A 49 -14.40 19.28 14.70
C VAL A 49 -14.92 20.69 14.81
N LEU A 50 -14.36 21.42 15.76
CA LEU A 50 -14.78 22.77 16.08
C LEU A 50 -13.83 23.78 15.46
N LEU A 51 -14.39 24.73 14.71
CA LEU A 51 -13.61 25.80 14.12
CA LEU A 51 -13.60 25.80 14.13
C LEU A 51 -13.92 27.12 14.81
N THR A 52 -12.90 27.81 15.29
CA THR A 52 -13.11 29.06 15.99
C THR A 52 -12.27 30.17 15.39
N GLY A 53 -12.92 31.27 15.05
CA GLY A 53 -12.25 32.43 14.49
C GLY A 53 -12.19 33.59 15.45
N SER A 54 -11.00 34.13 15.68
CA SER A 54 -10.82 35.32 16.52
CA SER A 54 -10.80 35.30 16.53
C SER A 54 -9.56 36.08 16.12
N ASP A 55 -9.25 37.13 16.87
CA ASP A 55 -8.05 37.95 16.63
C ASP A 55 -6.78 37.10 16.55
N ASN A 56 -6.77 35.97 17.25
CA ASN A 56 -5.65 35.06 17.19
C ASN A 56 -5.78 34.07 16.04
N GLY A 57 -6.53 34.45 15.02
CA GLY A 57 -6.67 33.64 13.82
C GLY A 57 -7.71 32.54 13.94
N LEU A 58 -7.35 31.37 13.43
CA LEU A 58 -8.28 30.25 13.37
C LEU A 58 -7.83 29.10 14.25
N THR A 59 -8.75 28.57 15.05
CA THR A 59 -8.43 27.37 15.81
C THR A 59 -9.30 26.18 15.41
N ILE A 60 -8.67 25.03 15.25
CA ILE A 60 -9.37 23.78 14.95
C ILE A 60 -9.20 22.80 16.12
N SER A 61 -10.31 22.39 16.70
CA SER A 61 -10.31 21.55 17.89
C SER A 61 -11.06 20.26 17.66
N GLY A 62 -10.45 19.15 18.06
CA GLY A 62 -11.09 17.85 17.98
C GLY A 62 -11.04 17.23 19.36
N PHE A 63 -12.17 16.67 19.78
CA PHE A 63 -12.28 16.07 21.10
C PHE A 63 -12.51 14.60 20.99
N ASP A 64 -11.81 13.87 21.84
CA ASP A 64 -12.08 12.48 22.05
C ASP A 64 -11.84 12.29 23.53
N TYR A 65 -12.45 11.28 24.15
CA TYR A 65 -12.30 11.11 25.59
C TYR A 65 -10.89 10.68 25.99
N GLU A 66 -10.13 10.12 25.07
CA GLU A 66 -8.76 9.73 25.41
C GLU A 66 -7.76 10.82 25.00
N VAL A 67 -7.93 11.31 23.79
CA VAL A 67 -7.00 12.27 23.23
C VAL A 67 -7.74 13.47 22.67
N SER A 68 -7.31 14.67 23.04
CA SER A 68 -7.85 15.85 22.37
CA SER A 68 -7.83 15.90 22.43
C SER A 68 -6.74 16.57 21.59
N ALA A 69 -7.11 17.26 20.52
CA ALA A 69 -6.07 17.93 19.74
C ALA A 69 -6.55 19.26 19.23
N GLU A 70 -5.63 20.17 19.07
CA GLU A 70 -5.99 21.54 18.74
C GLU A 70 -4.87 22.19 17.95
N ALA A 71 -5.27 22.93 16.92
CA ALA A 71 -4.32 23.61 16.07
C ALA A 71 -4.78 25.03 15.80
N GLN A 72 -3.83 25.96 15.90
CA GLN A 72 -4.13 27.36 15.67
C GLN A 72 -3.28 27.87 14.51
N VAL A 73 -3.91 28.58 13.58
CA VAL A 73 -3.17 29.16 12.46
C VAL A 73 -3.61 30.59 12.16
N GLY A 74 -2.74 31.32 11.47
CA GLY A 74 -3.07 32.64 11.01
C GLY A 74 -4.13 32.54 9.94
N ALA A 75 -5.08 33.46 9.98
CA ALA A 75 -6.16 33.51 9.00
C ALA A 75 -6.76 34.91 8.96
N GLU A 76 -7.35 35.26 7.83
CA GLU A 76 -8.12 36.49 7.77
C GLU A 76 -9.47 36.22 8.39
N ILE A 77 -9.67 36.68 9.62
CA ILE A 77 -10.98 36.55 10.23
C ILE A 77 -11.81 37.77 9.84
N VAL A 78 -12.55 37.63 8.74
CA VAL A 78 -13.43 38.69 8.26
C VAL A 78 -14.50 38.94 9.31
N SER A 79 -14.97 37.87 9.92
CA SER A 79 -15.97 37.92 10.97
C SER A 79 -15.70 36.76 11.94
N PRO A 80 -15.76 37.03 13.25
CA PRO A 80 -15.40 36.02 14.24
C PRO A 80 -16.56 35.11 14.64
N GLY A 81 -16.24 33.95 15.18
CA GLY A 81 -17.27 33.01 15.59
C GLY A 81 -16.77 31.58 15.64
N SER A 82 -17.75 30.69 15.70
CA SER A 82 -17.48 29.28 15.94
C SER A 82 -18.49 28.42 15.18
N VAL A 83 -18.03 27.26 14.71
CA VAL A 83 -18.90 26.34 14.00
C VAL A 83 -18.38 24.91 14.11
N LEU A 84 -19.31 23.96 14.12
CA LEU A 84 -19.01 22.55 14.32
C LEU A 84 -19.41 21.70 13.10
N VAL A 85 -18.42 21.10 12.45
CA VAL A 85 -18.65 20.36 11.20
C VAL A 85 -17.97 18.98 11.24
N SER A 86 -18.35 18.11 10.32
CA SER A 86 -17.76 16.78 10.23
C SER A 86 -16.24 16.84 10.06
N GLY A 87 -15.53 16.21 11.00
CA GLY A 87 -14.07 16.16 10.96
C GLY A 87 -13.54 15.38 9.76
N ARG A 88 -14.05 14.16 9.58
CA ARG A 88 -13.63 13.30 8.47
CA ARG A 88 -13.66 13.31 8.47
C ARG A 88 -13.84 14.00 7.13
N LEU A 89 -15.00 14.62 6.96
CA LEU A 89 -15.33 15.31 5.72
C LEU A 89 -14.45 16.55 5.52
N LEU A 90 -14.28 17.36 6.56
CA LEU A 90 -13.40 18.53 6.48
C LEU A 90 -11.96 18.13 6.14
N SER A 91 -11.48 17.05 6.72
CA SER A 91 -10.14 16.58 6.41
C SER A 91 -10.04 16.14 4.93
N ASP A 92 -10.96 15.30 4.47
CA ASP A 92 -10.95 14.83 3.08
C ASP A 92 -10.97 15.98 2.08
N ILE A 93 -11.76 17.01 2.38
CA ILE A 93 -11.88 18.14 1.49
C ILE A 93 -10.60 18.99 1.46
N THR A 94 -10.09 19.41 2.62
CA THR A 94 -8.92 20.28 2.62
C THR A 94 -7.69 19.57 2.03
N ARG A 95 -7.58 18.26 2.26
CA ARG A 95 -6.53 17.46 1.63
C ARG A 95 -6.64 17.45 0.12
N ALA A 96 -7.85 17.53 -0.41
CA ALA A 96 -8.03 17.36 -1.86
C ALA A 96 -7.99 18.70 -2.58
N LEU A 97 -8.29 19.76 -1.86
CA LEU A 97 -8.37 21.09 -2.45
C LEU A 97 -7.05 21.50 -3.11
N PRO A 98 -7.15 22.20 -4.25
CA PRO A 98 -5.99 22.83 -4.89
C PRO A 98 -5.34 23.83 -3.95
N ASN A 99 -4.08 24.18 -4.21
CA ASN A 99 -3.38 25.04 -3.27
C ASN A 99 -3.67 26.51 -3.50
N LYS A 100 -4.88 26.90 -3.10
CA LYS A 100 -5.41 28.24 -3.36
C LYS A 100 -6.02 28.81 -2.08
N PRO A 101 -6.41 30.10 -2.08
CA PRO A 101 -7.12 30.59 -0.89
C PRO A 101 -8.42 29.81 -0.65
N VAL A 102 -8.76 29.56 0.61
CA VAL A 102 -10.03 28.91 0.91
C VAL A 102 -10.93 29.88 1.66
N ASP A 103 -12.17 29.99 1.22
CA ASP A 103 -13.14 30.87 1.88
C ASP A 103 -14.20 30.05 2.60
N VAL A 104 -14.47 30.43 3.85
CA VAL A 104 -15.40 29.69 4.67
C VAL A 104 -16.41 30.63 5.25
N HIS A 105 -17.69 30.34 4.99
CA HIS A 105 -18.76 31.22 5.42
C HIS A 105 -19.86 30.40 6.09
N VAL A 106 -20.16 30.75 7.33
CA VAL A 106 -21.23 30.10 8.05
C VAL A 106 -22.53 30.87 7.82
N GLU A 107 -23.40 30.31 6.99
CA GLU A 107 -24.68 30.94 6.69
C GLU A 107 -25.82 30.03 7.12
N GLY A 108 -26.39 30.31 8.29
CA GLY A 108 -27.44 29.48 8.82
C GLY A 108 -26.86 28.28 9.54
N ASN A 109 -27.45 27.10 9.31
CA ASN A 109 -26.93 25.89 9.90
C ASN A 109 -26.10 25.13 8.87
N ARG A 110 -25.49 25.88 7.96
CA ARG A 110 -24.62 25.30 6.96
C ARG A 110 -23.32 26.10 6.86
N VAL A 111 -22.26 25.44 6.41
CA VAL A 111 -21.00 26.11 6.16
C VAL A 111 -20.65 26.03 4.69
N ALA A 112 -20.48 27.20 4.09
CA ALA A 112 -20.00 27.27 2.73
C ALA A 112 -18.48 27.29 2.71
N LEU A 113 -17.91 26.38 1.94
CA LEU A 113 -16.48 26.38 1.70
C LEU A 113 -16.21 26.49 0.20
N THR A 114 -15.45 27.51 -0.17
CA THR A 114 -15.16 27.85 -1.55
C THR A 114 -13.65 27.90 -1.81
N CYS A 115 -13.22 27.31 -2.92
CA CYS A 115 -11.80 27.27 -3.24
C CYS A 115 -11.66 27.17 -4.74
N GLY A 116 -11.23 28.26 -5.38
CA GLY A 116 -11.28 28.33 -6.83
C GLY A 116 -12.75 28.27 -7.22
N ASN A 117 -13.08 27.44 -8.20
CA ASN A 117 -14.46 27.32 -8.63
C ASN A 117 -15.23 26.19 -7.96
N ALA A 118 -14.62 25.54 -6.98
CA ALA A 118 -15.27 24.45 -6.26
C ALA A 118 -15.96 24.98 -5.00
N ARG A 119 -17.23 24.61 -4.84
CA ARG A 119 -18.05 25.08 -3.72
C ARG A 119 -18.61 23.93 -2.91
N PHE A 120 -18.43 23.99 -1.59
CA PHE A 120 -18.99 23.00 -0.68
C PHE A 120 -20.00 23.63 0.24
N SER A 121 -21.09 22.93 0.49
CA SER A 121 -22.05 23.36 1.50
C SER A 121 -22.27 22.22 2.49
N LEU A 122 -21.69 22.37 3.69
CA LEU A 122 -21.72 21.31 4.69
C LEU A 122 -22.68 21.59 5.83
N PRO A 123 -23.37 20.55 6.32
CA PRO A 123 -24.24 20.71 7.49
C PRO A 123 -23.43 20.98 8.75
N THR A 124 -24.03 21.70 9.69
CA THR A 124 -23.37 21.96 10.95
C THR A 124 -24.06 21.16 12.05
N MET A 125 -23.48 21.22 13.25
CA MET A 125 -24.09 20.70 14.48
C MET A 125 -23.98 21.80 15.51
N PRO A 126 -24.85 21.79 16.55
CA PRO A 126 -24.81 22.87 17.55
C PRO A 126 -23.51 22.85 18.36
N VAL A 127 -22.82 23.98 18.37
CA VAL A 127 -21.53 24.10 19.04
C VAL A 127 -21.61 23.85 20.55
N GLU A 128 -22.77 24.15 21.15
CA GLU A 128 -22.92 24.02 22.62
C GLU A 128 -22.91 22.56 23.02
N ASP A 129 -23.14 21.67 22.05
CA ASP A 129 -23.10 20.24 22.29
C ASP A 129 -21.65 19.74 22.45
N TYR A 130 -20.71 20.44 21.83
CA TYR A 130 -19.31 19.98 21.83
C TYR A 130 -18.67 20.07 23.22
N PRO A 131 -18.11 18.93 23.70
CA PRO A 131 -17.44 18.82 24.99
C PRO A 131 -16.19 19.66 25.07
N THR A 132 -15.93 20.22 26.24
CA THR A 132 -14.75 21.06 26.44
C THR A 132 -13.47 20.24 26.35
N LEU A 133 -12.48 20.77 25.65
CA LEU A 133 -11.18 20.11 25.59
C LEU A 133 -10.44 20.32 26.91
N PRO A 134 -9.70 19.29 27.36
CA PRO A 134 -8.96 19.43 28.62
C PRO A 134 -7.89 20.51 28.53
N THR A 135 -7.59 21.13 29.65
CA THR A 135 -6.50 22.05 29.74
C THR A 135 -5.21 21.27 29.88
N LEU A 136 -4.16 21.68 29.17
CA LEU A 136 -2.85 21.06 29.34
C LEU A 136 -2.29 21.32 30.71
N PRO A 137 -1.60 20.34 31.29
CA PRO A 137 -0.84 20.58 32.52
C PRO A 137 0.23 21.64 32.29
N GLU A 138 0.86 22.10 33.37
CA GLU A 138 2.00 23.00 33.28
CA GLU A 138 1.98 23.02 33.25
C GLU A 138 3.12 22.34 32.48
N GLU A 139 3.87 23.16 31.75
CA GLU A 139 5.01 22.69 30.96
C GLU A 139 6.08 22.08 31.86
N THR A 140 6.69 21.00 31.39
CA THR A 140 7.64 20.24 32.16
C THR A 140 9.02 20.33 31.51
N GLY A 141 9.06 20.31 30.18
CA GLY A 141 10.30 20.53 29.47
C GLY A 141 10.12 20.64 27.96
N LEU A 142 11.23 20.88 27.28
CA LEU A 142 11.25 21.10 25.84
C LEU A 142 12.40 20.33 25.19
N LEU A 143 12.14 19.66 24.07
CA LEU A 143 13.22 19.05 23.30
C LEU A 143 13.03 19.30 21.79
N PRO A 144 14.10 19.20 21.00
CA PRO A 144 13.92 19.38 19.55
C PRO A 144 12.94 18.36 18.96
N ALA A 145 12.13 18.78 17.99
CA ALA A 145 11.07 17.92 17.44
C ALA A 145 11.64 16.67 16.74
N GLU A 146 12.76 16.81 16.04
CA GLU A 146 13.33 15.65 15.36
C GLU A 146 13.83 14.60 16.34
N LEU A 147 14.40 15.03 17.46
CA LEU A 147 14.85 14.13 18.52
C LEU A 147 13.66 13.43 19.16
N PHE A 148 12.60 14.19 19.43
CA PHE A 148 11.37 13.62 19.96
C PHE A 148 10.84 12.51 19.04
N ALA A 149 10.68 12.85 17.76
CA ALA A 149 10.20 11.90 16.75
C ALA A 149 11.04 10.62 16.68
N GLU A 150 12.36 10.79 16.68
CA GLU A 150 13.25 9.64 16.62
C GLU A 150 13.20 8.79 17.87
N ALA A 151 13.25 9.43 19.02
CA ALA A 151 13.33 8.69 20.27
C ALA A 151 12.04 7.89 20.50
N ILE A 152 10.90 8.48 20.16
CA ILE A 152 9.64 7.79 20.37
C ILE A 152 9.53 6.60 19.40
N SER A 153 9.92 6.77 18.15
CA SER A 153 9.83 5.66 17.21
C SER A 153 10.82 4.55 17.56
N GLN A 154 11.97 4.91 18.12
CA GLN A 154 12.90 3.90 18.62
C GLN A 154 12.30 3.01 19.68
N VAL A 155 11.68 3.58 20.71
CA VAL A 155 11.25 2.73 21.81
C VAL A 155 9.85 2.14 21.59
N ALA A 156 9.01 2.82 20.80
CA ALA A 156 7.61 2.39 20.59
C ALA A 156 7.52 1.01 20.00
N ILE A 157 8.53 0.65 19.21
CA ILE A 157 8.53 -0.67 18.55
C ILE A 157 8.48 -1.79 19.60
N ALA A 158 8.97 -1.53 20.81
CA ALA A 158 9.04 -2.59 21.82
C ALA A 158 7.77 -2.74 22.67
N ALA A 159 6.80 -1.83 22.53
CA ALA A 159 5.61 -1.91 23.40
C ALA A 159 4.71 -3.08 23.04
N GLY A 160 4.03 -3.62 24.05
CA GLY A 160 3.03 -4.65 23.80
C GLY A 160 1.83 -4.00 23.13
N ARG A 161 1.06 -4.83 22.43
CA ARG A 161 -0.15 -4.35 21.76
C ARG A 161 -1.38 -5.11 22.27
N ASP A 162 -1.29 -5.69 23.47
CA ASP A 162 -2.37 -6.51 24.06
C ASP A 162 -3.02 -5.80 25.25
N ASP A 163 -4.28 -5.43 25.10
CA ASP A 163 -4.96 -4.69 26.15
C ASP A 163 -5.29 -5.52 27.39
N THR A 164 -5.17 -6.85 27.31
CA THR A 164 -5.29 -7.66 28.51
C THR A 164 -4.02 -7.57 29.35
N LEU A 165 -2.95 -7.04 28.77
CA LEU A 165 -1.74 -6.69 29.52
C LEU A 165 -1.48 -5.19 29.34
N PRO A 166 -2.34 -4.34 29.93
CA PRO A 166 -2.25 -2.90 29.67
C PRO A 166 -0.94 -2.29 30.16
N MET A 167 -0.33 -2.91 31.18
CA MET A 167 0.95 -2.43 31.69
C MET A 167 2.07 -2.55 30.68
N LEU A 168 1.83 -3.24 29.55
CA LEU A 168 2.84 -3.34 28.49
C LEU A 168 2.57 -2.37 27.33
N THR A 169 1.37 -1.78 27.28
CA THR A 169 0.95 -1.00 26.11
C THR A 169 1.40 0.45 26.21
N GLY A 170 2.24 0.73 27.21
CA GLY A 170 2.73 2.07 27.42
C GLY A 170 4.16 2.33 27.00
N ILE A 171 4.49 3.62 26.96
CA ILE A 171 5.86 4.08 26.94
C ILE A 171 6.10 4.78 28.25
N ARG A 172 7.07 4.30 29.02
CA ARG A 172 7.46 4.96 30.27
C ARG A 172 8.25 6.22 29.97
N VAL A 173 7.86 7.33 30.58
CA VAL A 173 8.63 8.55 30.51
C VAL A 173 9.14 8.88 31.92
N GLU A 174 10.45 8.71 32.16
CA GLU A 174 11.05 9.14 33.42
C GLU A 174 11.82 10.41 33.21
N ILE A 175 11.49 11.42 33.98
CA ILE A 175 12.16 12.70 33.91
C ILE A 175 12.91 12.92 35.21
N LEU A 176 14.22 13.09 35.07
CA LEU A 176 15.10 13.44 36.18
C LEU A 176 15.88 14.68 35.80
N GLY A 177 15.37 15.85 36.15
CA GLY A 177 16.01 17.09 35.73
C GLY A 177 16.10 17.23 34.22
N GLU A 178 17.31 17.43 33.71
CA GLU A 178 17.57 17.58 32.27
C GLU A 178 17.70 16.23 31.55
N THR A 179 17.51 15.14 32.27
CA THR A 179 17.61 13.81 31.65
C THR A 179 16.21 13.21 31.53
N VAL A 180 15.92 12.70 30.35
CA VAL A 180 14.69 11.98 30.10
C VAL A 180 15.08 10.59 29.67
N VAL A 181 14.36 9.61 30.20
CA VAL A 181 14.56 8.21 29.85
C VAL A 181 13.21 7.70 29.38
N LEU A 182 13.20 7.14 28.17
CA LEU A 182 12.00 6.57 27.58
C LEU A 182 12.15 5.06 27.46
N ALA A 183 11.15 4.31 27.89
CA ALA A 183 11.26 2.85 27.85
C ALA A 183 9.95 2.18 27.49
N ALA A 184 10.06 1.00 26.89
CA ALA A 184 8.91 0.20 26.51
C ALA A 184 9.32 -1.28 26.45
N THR A 185 8.39 -2.17 26.76
CA THR A 185 8.65 -3.61 26.69
C THR A 185 7.37 -4.39 26.45
N ASP A 186 7.50 -5.60 25.91
CA ASP A 186 6.36 -6.49 25.76
C ASP A 186 6.65 -7.83 26.43
N ARG A 187 7.72 -7.83 27.23
CA ARG A 187 8.26 -8.97 27.99
C ARG A 187 9.32 -9.72 27.21
N PHE A 188 9.49 -9.39 25.93
CA PHE A 188 10.46 -10.11 25.10
C PHE A 188 11.59 -9.22 24.66
N ARG A 189 11.25 -7.97 24.32
CA ARG A 189 12.25 -6.93 24.10
C ARG A 189 11.97 -5.77 25.07
N LEU A 190 13.03 -5.10 25.46
CA LEU A 190 12.95 -3.89 26.25
C LEU A 190 13.77 -2.83 25.52
N ALA A 191 13.14 -1.72 25.13
CA ALA A 191 13.89 -0.65 24.48
C ALA A 191 14.01 0.53 25.42
N VAL A 192 15.22 1.08 25.53
CA VAL A 192 15.44 2.23 26.41
C VAL A 192 16.26 3.33 25.72
N ARG A 193 15.73 4.54 25.70
CA ARG A 193 16.44 5.68 25.14
C ARG A 193 16.61 6.78 26.20
N GLU A 194 17.83 7.24 26.37
CA GLU A 194 18.09 8.35 27.27
C GLU A 194 18.48 9.54 26.42
N LEU A 195 18.00 10.71 26.80
CA LEU A 195 18.33 11.93 26.08
C LEU A 195 18.37 13.15 27.04
N LYS A 196 18.99 14.23 26.59
CA LYS A 196 19.02 15.48 27.36
C LYS A 196 18.04 16.49 26.75
N TRP A 197 17.30 17.18 27.63
CA TRP A 197 16.37 18.22 27.22
C TRP A 197 16.45 19.40 28.19
N SER A 198 15.62 20.42 27.97
CA SER A 198 15.54 21.58 28.87
CA SER A 198 15.56 21.57 28.88
C SER A 198 14.31 21.47 29.75
N ALA A 199 14.53 21.35 31.05
CA ALA A 199 13.43 21.19 31.99
C ALA A 199 12.95 22.52 32.53
N SER A 200 11.73 22.53 33.09
CA SER A 200 11.20 23.70 33.75
C SER A 200 12.01 24.03 35.01
N SER A 201 12.63 23.03 35.62
CA SER A 201 13.54 23.23 36.74
C SER A 201 14.41 21.98 36.89
N PRO A 202 15.60 22.12 37.50
CA PRO A 202 16.57 21.01 37.49
C PRO A 202 16.19 19.86 38.42
N ASP A 203 15.29 20.11 39.36
CA ASP A 203 14.91 19.06 40.31
C ASP A 203 13.54 18.48 39.96
N ILE A 204 13.04 18.80 38.77
CA ILE A 204 11.76 18.26 38.34
C ILE A 204 11.88 16.75 38.26
N GLU A 205 10.88 16.06 38.79
CA GLU A 205 10.92 14.60 38.80
C GLU A 205 9.56 14.05 38.40
N ALA A 206 9.60 12.90 37.73
CA ALA A 206 8.43 12.39 37.03
C ALA A 206 8.64 10.97 36.56
N ALA A 207 7.68 10.10 36.83
CA ALA A 207 7.52 8.90 36.04
C ALA A 207 6.05 8.76 35.72
N VAL A 208 5.73 8.68 34.43
CA VAL A 208 4.38 8.47 33.96
C VAL A 208 4.45 7.40 32.90
N LEU A 209 3.29 6.83 32.58
CA LEU A 209 3.20 5.82 31.56
C LEU A 209 2.17 6.31 30.56
N VAL A 210 2.57 6.41 29.29
CA VAL A 210 1.72 6.95 28.21
C VAL A 210 1.38 5.87 27.19
N PRO A 211 0.11 5.79 26.76
CA PRO A 211 -0.23 4.81 25.71
C PRO A 211 0.72 4.91 24.51
N ALA A 212 1.33 3.79 24.12
CA ALA A 212 2.39 3.80 23.12
C ALA A 212 1.88 4.20 21.74
N LYS A 213 0.73 3.66 21.35
CA LYS A 213 0.22 3.88 20.00
C LYS A 213 -0.07 5.36 19.79
N THR A 214 -0.74 5.95 20.77
CA THR A 214 -1.06 7.35 20.77
C THR A 214 0.18 8.21 20.73
N LEU A 215 1.14 7.92 21.59
CA LEU A 215 2.36 8.71 21.65
C LEU A 215 3.17 8.55 20.35
N ALA A 216 3.28 7.33 19.85
CA ALA A 216 3.96 7.11 18.57
C ALA A 216 3.30 7.90 17.42
N GLU A 217 1.98 7.97 17.48
CA GLU A 217 1.17 8.69 16.50
C GLU A 217 1.46 10.18 16.58
N ALA A 218 1.48 10.71 17.80
CA ALA A 218 1.76 12.13 17.98
C ALA A 218 3.16 12.47 17.46
N ALA A 219 4.12 11.61 17.74
CA ALA A 219 5.50 11.86 17.40
C ALA A 219 5.70 11.88 15.89
N LYS A 220 4.90 11.14 15.13
CA LYS A 220 5.04 11.15 13.69
C LYS A 220 3.92 11.93 12.96
N ALA A 221 3.12 12.68 13.70
CA ALA A 221 2.02 13.42 13.06
C ALA A 221 2.49 14.71 12.40
N GLY A 222 3.79 15.00 12.51
CA GLY A 222 4.33 16.19 11.90
C GLY A 222 3.87 17.49 12.53
N ILE A 223 4.19 17.67 13.81
CA ILE A 223 3.89 18.93 14.50
C ILE A 223 4.54 20.13 13.78
N GLY A 224 5.70 19.89 13.15
CA GLY A 224 6.43 20.93 12.44
C GLY A 224 7.20 21.85 13.38
N GLY A 225 8.03 22.73 12.82
CA GLY A 225 8.84 23.64 13.62
C GLY A 225 9.94 22.93 14.43
N SER A 226 10.60 23.67 15.30
CA SER A 226 11.79 23.16 15.98
C SER A 226 11.55 22.43 17.29
N ASP A 227 10.41 22.69 17.92
CA ASP A 227 10.24 22.38 19.33
C ASP A 227 9.08 21.45 19.64
N VAL A 228 9.30 20.56 20.59
CA VAL A 228 8.24 19.84 21.24
C VAL A 228 8.29 20.14 22.76
N ARG A 229 7.20 20.63 23.31
CA ARG A 229 7.09 20.84 24.75
C ARG A 229 6.21 19.77 25.36
N LEU A 230 6.70 19.11 26.42
CA LEU A 230 5.90 18.10 27.12
C LEU A 230 5.34 18.71 28.40
N SER A 231 4.05 18.49 28.65
CA SER A 231 3.39 19.08 29.81
C SER A 231 2.81 18.00 30.71
N LEU A 232 3.43 17.82 31.87
CA LEU A 232 2.98 16.85 32.86
C LEU A 232 2.74 17.50 34.20
N GLY A 233 3.01 18.80 34.27
CA GLY A 233 3.00 19.50 35.53
C GLY A 233 4.39 19.67 36.12
N THR A 234 4.43 20.26 37.31
CA THR A 234 5.69 20.56 37.96
C THR A 234 5.67 20.18 39.44
N GLY A 235 6.84 19.81 39.96
CA GLY A 235 6.98 19.49 41.37
C GLY A 235 6.18 18.26 41.78
N PRO A 236 5.39 18.40 42.86
CA PRO A 236 4.61 17.27 43.40
C PRO A 236 3.36 16.99 42.54
N GLY A 237 2.90 17.99 41.81
CA GLY A 237 1.73 17.87 40.95
C GLY A 237 2.00 17.25 39.59
N VAL A 238 3.15 16.59 39.44
CA VAL A 238 3.48 15.90 38.21
C VAL A 238 2.60 14.67 38.03
N GLY A 239 1.97 14.56 36.86
CA GLY A 239 1.08 13.44 36.58
C GLY A 239 -0.29 13.53 37.23
N LYS A 240 -0.48 14.51 38.13
CA LYS A 240 -1.69 14.60 38.94
C LYS A 240 -2.97 14.82 38.13
N ASP A 241 -2.83 15.43 36.95
CA ASP A 241 -3.98 15.71 36.09
C ASP A 241 -4.41 14.49 35.29
N GLY A 242 -3.57 13.45 35.27
CA GLY A 242 -3.84 12.27 34.49
C GLY A 242 -3.54 12.43 33.00
N LEU A 243 -2.88 13.53 32.63
CA LEU A 243 -2.68 13.90 31.22
C LEU A 243 -1.24 14.16 30.82
N LEU A 244 -0.85 13.71 29.63
CA LEU A 244 0.34 14.27 28.99
C LEU A 244 -0.06 15.31 27.94
N GLY A 245 0.45 16.53 28.09
CA GLY A 245 0.31 17.55 27.08
C GLY A 245 1.51 17.56 26.14
N ILE A 246 1.23 17.67 24.84
CA ILE A 246 2.26 17.88 23.81
C ILE A 246 1.96 19.19 23.06
N SER A 247 2.96 20.02 22.83
CA SER A 247 2.67 21.28 22.12
C SER A 247 3.87 21.86 21.38
N GLY A 248 3.57 22.75 20.44
CA GLY A 248 4.57 23.43 19.66
C GLY A 248 4.00 23.78 18.30
N ASN A 249 4.51 24.86 17.71
CA ASN A 249 4.10 25.29 16.39
C ASN A 249 2.58 25.54 16.28
N GLY A 250 1.99 26.16 17.30
CA GLY A 250 0.57 26.45 17.31
C GLY A 250 -0.32 25.22 17.50
N LYS A 251 0.29 24.06 17.69
CA LYS A 251 -0.44 22.82 17.89
C LYS A 251 -0.35 22.32 19.34
N ARG A 252 -1.37 21.59 19.78
CA ARG A 252 -1.29 20.97 21.10
C ARG A 252 -2.24 19.80 21.21
N SER A 253 -1.93 18.91 22.14
CA SER A 253 -2.79 17.77 22.35
C SER A 253 -2.66 17.32 23.80
N THR A 254 -3.65 16.57 24.25
CA THR A 254 -3.59 15.92 25.54
C THR A 254 -3.90 14.46 25.36
N THR A 255 -3.20 13.65 26.14
CA THR A 255 -3.38 12.23 26.17
C THR A 255 -3.57 11.72 27.59
N ARG A 256 -4.61 10.92 27.83
CA ARG A 256 -4.78 10.27 29.13
CA ARG A 256 -4.80 10.23 29.11
C ARG A 256 -3.64 9.30 29.43
N LEU A 257 -3.08 9.44 30.62
CA LEU A 257 -2.00 8.56 31.09
C LEU A 257 -2.54 7.18 31.46
N LEU A 258 -1.68 6.17 31.39
CA LEU A 258 -2.02 4.82 31.84
C LEU A 258 -1.80 4.72 33.36
N ASP A 259 -2.64 3.96 34.05
CA ASP A 259 -2.54 3.86 35.50
C ASP A 259 -1.57 2.75 35.97
N ALA A 260 -1.29 1.79 35.10
CA ALA A 260 -0.44 0.64 35.44
C ALA A 260 0.98 1.03 35.84
N GLU A 261 1.63 0.17 36.61
CA GLU A 261 3.01 0.34 36.96
C GLU A 261 3.92 -0.27 35.89
N PHE A 262 5.00 0.41 35.59
CA PHE A 262 5.98 -0.12 34.66
C PHE A 262 6.96 -0.98 35.45
N PRO A 263 7.41 -2.11 34.87
CA PRO A 263 8.41 -3.00 35.47
C PRO A 263 9.71 -2.26 35.79
N LYS A 264 10.39 -2.67 36.87
CA LYS A 264 11.74 -2.22 37.17
C LYS A 264 12.70 -2.84 36.16
N PHE A 265 13.31 -2.05 35.31
CA PHE A 265 14.02 -2.63 34.18
C PHE A 265 15.54 -2.50 34.27
N ARG A 266 16.03 -1.53 35.05
CA ARG A 266 17.46 -1.22 35.04
C ARG A 266 18.35 -2.35 35.50
N GLN A 267 17.84 -3.20 36.40
CA GLN A 267 18.70 -4.27 36.90
C GLN A 267 18.90 -5.38 35.86
N LEU A 268 18.09 -5.35 34.79
CA LEU A 268 18.22 -6.30 33.69
C LEU A 268 19.35 -5.93 32.75
N LEU A 269 19.93 -4.74 32.94
CA LEU A 269 21.00 -4.30 32.08
C LEU A 269 22.31 -4.84 32.59
N PRO A 270 22.91 -5.78 31.84
CA PRO A 270 24.17 -6.38 32.29
C PRO A 270 25.30 -5.36 32.37
N THR A 271 26.25 -5.56 33.26
CA THR A 271 27.40 -4.65 33.29
C THR A 271 28.56 -5.26 32.51
N GLU A 272 28.50 -6.55 32.25
CA GLU A 272 29.55 -7.22 31.50
C GLU A 272 28.97 -8.38 30.72
N HIS A 273 29.74 -8.82 29.73
CA HIS A 273 29.29 -9.86 28.80
C HIS A 273 30.36 -10.93 28.64
N THR A 274 29.95 -12.18 28.50
CA THR A 274 30.93 -13.25 28.28
C THR A 274 31.37 -13.29 26.84
N ALA A 275 30.62 -12.62 25.96
CA ALA A 275 30.96 -12.55 24.55
C ALA A 275 30.32 -11.33 23.93
N VAL A 276 31.00 -10.76 22.94
CA VAL A 276 30.54 -9.52 22.31
C VAL A 276 30.69 -9.63 20.78
N ALA A 277 29.64 -9.32 20.05
CA ALA A 277 29.73 -9.37 18.59
C ALA A 277 29.35 -8.03 17.96
N THR A 278 30.18 -7.49 17.07
CA THR A 278 29.74 -6.30 16.37
C THR A 278 29.67 -6.61 14.89
N MET A 279 28.56 -6.19 14.30
CA MET A 279 28.20 -6.52 12.92
C MET A 279 27.67 -5.30 12.19
N ASP A 280 27.56 -5.43 10.87
CA ASP A 280 26.93 -4.42 10.03
C ASP A 280 25.40 -4.56 10.08
N VAL A 281 24.71 -3.47 10.42
CA VAL A 281 23.27 -3.56 10.64
C VAL A 281 22.51 -3.90 9.34
N ALA A 282 22.78 -3.17 8.26
CA ALA A 282 22.05 -3.36 7.01
C ALA A 282 22.17 -4.77 6.48
N GLU A 283 23.35 -5.36 6.60
CA GLU A 283 23.55 -6.66 5.99
C GLU A 283 22.98 -7.78 6.86
N LEU A 284 22.94 -7.59 8.18
CA LEU A 284 22.30 -8.56 9.06
C LEU A 284 20.78 -8.57 8.85
N ILE A 285 20.17 -7.39 8.83
CA ILE A 285 18.76 -7.27 8.53
C ILE A 285 18.39 -7.95 7.19
N GLU A 286 19.19 -7.72 6.16
CA GLU A 286 18.87 -8.34 4.87
C GLU A 286 19.00 -9.86 4.96
N ALA A 287 20.05 -10.35 5.63
CA ALA A 287 20.26 -11.79 5.73
C ALA A 287 19.15 -12.46 6.54
N ILE A 288 18.66 -11.77 7.57
CA ILE A 288 17.55 -12.31 8.36
C ILE A 288 16.30 -12.41 7.50
N LYS A 289 16.00 -11.37 6.74
CA LYS A 289 14.83 -11.40 5.86
C LYS A 289 15.00 -12.54 4.87
N LEU A 290 16.24 -12.74 4.43
CA LEU A 290 16.51 -13.79 3.47
C LEU A 290 16.28 -15.17 4.08
N VAL A 291 16.92 -15.44 5.21
CA VAL A 291 16.89 -16.81 5.75
C VAL A 291 15.53 -17.13 6.35
N ALA A 292 14.88 -16.12 6.92
CA ALA A 292 13.57 -16.31 7.52
C ALA A 292 12.49 -16.66 6.49
N LEU A 293 12.80 -16.54 5.20
CA LEU A 293 11.83 -16.87 4.15
C LEU A 293 11.29 -18.31 4.20
N VAL A 294 11.84 -19.14 5.07
CA VAL A 294 11.37 -20.52 5.19
C VAL A 294 10.61 -20.72 6.49
N ALA A 295 11.10 -20.14 7.59
CA ALA A 295 10.46 -20.28 8.91
C ALA A 295 9.10 -19.56 8.98
N ALA A 299 8.87 -17.26 13.72
CA ALA A 299 9.43 -18.50 14.26
C ALA A 299 10.74 -18.23 15.01
N GLN A 300 11.84 -18.75 14.47
CA GLN A 300 13.15 -18.46 15.05
C GLN A 300 14.28 -18.53 14.03
N VAL A 301 15.24 -17.64 14.15
CA VAL A 301 16.48 -17.75 13.40
C VAL A 301 17.58 -18.11 14.39
N ARG A 302 18.50 -18.94 13.94
CA ARG A 302 19.57 -19.37 14.80
C ARG A 302 20.88 -18.72 14.36
N MET A 303 21.71 -18.37 15.35
CA MET A 303 22.96 -17.67 15.12
C MET A 303 24.12 -18.42 15.79
N GLU A 304 25.07 -18.89 14.98
CA GLU A 304 26.25 -19.57 15.49
C GLU A 304 27.45 -18.65 15.39
N PHE A 305 27.78 -17.97 16.49
CA PHE A 305 28.92 -17.07 16.51
C PHE A 305 30.20 -17.85 16.76
N ALA A 306 31.26 -17.46 16.05
CA ALA A 306 32.61 -17.92 16.29
C ALA A 306 33.55 -16.79 15.87
N ASP A 307 34.84 -16.93 16.12
CA ASP A 307 35.80 -15.88 15.75
C ASP A 307 35.70 -15.57 14.26
N GLY A 308 35.40 -14.33 13.94
CA GLY A 308 35.39 -13.88 12.56
C GLY A 308 34.10 -14.06 11.75
N SER A 309 33.19 -14.93 12.20
CA SER A 309 32.02 -15.22 11.38
C SER A 309 30.80 -15.65 12.21
N VAL A 310 29.61 -15.42 11.68
CA VAL A 310 28.40 -16.00 12.25
C VAL A 310 27.55 -16.69 11.18
N ARG A 311 27.13 -17.92 11.46
CA ARG A 311 26.21 -18.60 10.58
C ARG A 311 24.78 -18.33 11.06
N LEU A 312 24.04 -17.64 10.20
CA LEU A 312 22.64 -17.34 10.41
C LEU A 312 21.78 -18.37 9.65
N SER A 313 20.91 -19.07 10.36
CA SER A 313 20.13 -20.13 9.73
C SER A 313 18.70 -20.20 10.23
N ALA A 314 17.89 -20.95 9.48
CA ALA A 314 16.47 -21.05 9.75
C ALA A 314 15.91 -22.27 9.03
N GLY A 315 14.68 -22.61 9.37
CA GLY A 315 13.94 -23.61 8.64
C GLY A 315 14.10 -24.96 9.25
N ALA A 316 13.48 -25.94 8.61
CA ALA A 316 13.61 -27.34 9.01
C ALA A 316 13.46 -28.16 7.74
N ASP A 317 13.97 -29.39 7.76
CA ASP A 317 13.99 -30.21 6.55
C ASP A 317 12.60 -30.44 5.94
N ASP A 318 11.56 -30.42 6.76
CA ASP A 318 10.18 -30.66 6.30
C ASP A 318 9.64 -29.56 5.39
N VAL A 319 10.07 -28.32 5.59
CA VAL A 319 9.57 -27.21 4.78
C VAL A 319 10.70 -26.52 4.02
N GLY A 320 11.94 -26.90 4.33
CA GLY A 320 13.11 -26.28 3.72
C GLY A 320 14.02 -25.54 4.70
N ARG A 321 15.32 -25.53 4.41
CA ARG A 321 16.28 -24.84 5.26
C ARG A 321 17.00 -23.72 4.53
N ALA A 322 17.43 -22.71 5.28
CA ALA A 322 18.25 -21.63 4.75
C ALA A 322 19.36 -21.29 5.73
N GLU A 323 20.50 -20.86 5.22
CA GLU A 323 21.58 -20.38 6.07
C GLU A 323 22.49 -19.41 5.30
N GLU A 324 23.13 -18.53 6.05
CA GLU A 324 24.08 -17.60 5.47
C GLU A 324 25.15 -17.25 6.51
N ASP A 325 26.40 -17.19 6.06
CA ASP A 325 27.51 -16.79 6.91
C ASP A 325 27.82 -15.32 6.74
N LEU A 326 27.99 -14.62 7.85
CA LEU A 326 28.25 -13.18 7.82
C LEU A 326 29.56 -12.84 8.57
N VAL A 327 30.22 -11.76 8.17
CA VAL A 327 31.42 -11.31 8.88
C VAL A 327 31.02 -10.72 10.25
N VAL A 328 31.82 -11.01 11.27
CA VAL A 328 31.58 -10.51 12.63
CA VAL A 328 31.57 -10.44 12.60
C VAL A 328 32.88 -10.21 13.35
N ASP A 329 32.95 -9.09 14.05
CA ASP A 329 34.05 -8.82 14.96
C ASP A 329 33.64 -9.43 16.31
N TYR A 330 34.20 -10.60 16.63
CA TYR A 330 33.69 -11.39 17.75
C TYR A 330 34.73 -11.59 18.84
N ALA A 331 34.33 -11.32 20.07
CA ALA A 331 35.20 -11.59 21.21
C ALA A 331 34.50 -12.61 22.08
N GLY A 332 35.23 -13.64 22.50
CA GLY A 332 34.67 -14.66 23.37
C GLY A 332 34.65 -16.05 22.79
N GLU A 333 34.18 -17.01 23.58
CA GLU A 333 34.02 -18.38 23.10
C GLU A 333 32.80 -18.49 22.20
N PRO A 334 32.79 -19.47 21.30
CA PRO A 334 31.64 -19.65 20.40
C PRO A 334 30.32 -19.76 21.17
N LEU A 335 29.29 -19.19 20.57
CA LEU A 335 27.97 -19.22 21.18
C LEU A 335 26.93 -19.46 20.10
N THR A 336 26.01 -20.37 20.37
CA THR A 336 24.87 -20.58 19.51
C THR A 336 23.64 -20.05 20.23
N ILE A 337 22.94 -19.11 19.60
CA ILE A 337 21.76 -18.52 20.22
C ILE A 337 20.68 -18.26 19.16
N ALA A 338 19.41 -18.35 19.54
CA ALA A 338 18.30 -18.18 18.61
C ALA A 338 17.37 -17.03 18.99
N PHE A 339 16.74 -16.41 17.99
CA PHE A 339 15.86 -15.27 18.24
C PHE A 339 14.60 -15.33 17.39
N ASN A 340 13.53 -14.72 17.88
CA ASN A 340 12.42 -14.34 17.03
C ASN A 340 12.93 -13.33 15.99
N PRO A 341 12.90 -13.70 14.70
CA PRO A 341 13.47 -12.87 13.64
C PRO A 341 12.81 -11.49 13.51
N THR A 342 11.51 -11.42 13.76
CA THR A 342 10.83 -10.14 13.73
C THR A 342 11.30 -9.24 14.88
N TYR A 343 11.48 -9.80 16.07
CA TYR A 343 11.92 -9.01 17.21
C TYR A 343 13.36 -8.55 17.02
N LEU A 344 14.15 -9.42 16.42
CA LEU A 344 15.53 -9.13 16.14
C LEU A 344 15.65 -7.99 15.11
N THR A 345 14.86 -8.04 14.04
CA THR A 345 14.99 -6.98 13.01
C THR A 345 14.38 -5.67 13.51
N ASP A 346 13.34 -5.74 14.32
CA ASP A 346 12.82 -4.54 14.99
C ASP A 346 13.95 -3.84 15.76
N GLY A 347 14.72 -4.62 16.49
CA GLY A 347 15.77 -4.07 17.31
C GLY A 347 16.86 -3.42 16.47
N LEU A 348 17.29 -4.14 15.44
CA LEU A 348 18.32 -3.63 14.52
C LEU A 348 17.89 -2.33 13.83
N SER A 349 16.62 -2.23 13.47
CA SER A 349 16.09 -1.02 12.81
C SER A 349 15.88 0.14 13.78
N SER A 350 15.89 -0.16 15.08
CA SER A 350 15.72 0.89 16.08
CA SER A 350 15.71 0.88 16.10
C SER A 350 17.05 1.53 16.45
N LEU A 351 18.16 0.95 15.97
CA LEU A 351 19.49 1.42 16.36
C LEU A 351 19.89 2.75 15.73
N ARG A 352 19.54 2.94 14.45
CA ARG A 352 19.85 4.14 13.68
C ARG A 352 21.36 4.40 13.64
N SER A 353 22.11 3.32 13.51
CA SER A 353 23.57 3.39 13.41
C SER A 353 24.00 2.36 12.38
N GLU A 354 25.22 2.50 11.86
CA GLU A 354 25.69 1.63 10.80
C GLU A 354 26.03 0.23 11.32
N ARG A 355 26.46 0.15 12.57
CA ARG A 355 26.84 -1.13 13.14
C ARG A 355 26.09 -1.38 14.45
N VAL A 356 26.09 -2.66 14.85
CA VAL A 356 25.44 -3.11 16.06
C VAL A 356 26.44 -3.87 16.92
N SER A 357 26.38 -3.67 18.22
CA SER A 357 27.09 -4.55 19.14
C SER A 357 26.09 -5.46 19.85
N PHE A 358 26.36 -6.76 19.88
CA PHE A 358 25.58 -7.72 20.66
C PHE A 358 26.33 -8.04 21.96
N GLY A 359 25.69 -7.86 23.13
CA GLY A 359 26.33 -8.27 24.37
C GLY A 359 25.69 -9.54 24.89
N PHE A 360 26.47 -10.61 25.03
CA PHE A 360 25.89 -11.91 25.40
C PHE A 360 26.32 -12.42 26.76
N THR A 361 25.51 -13.29 27.36
CA THR A 361 26.07 -14.25 28.31
C THR A 361 25.75 -15.64 27.76
N THR A 362 24.64 -16.25 28.18
CA THR A 362 24.31 -17.61 27.74
C THR A 362 23.22 -17.60 26.69
N ALA A 363 22.87 -18.78 26.20
CA ALA A 363 21.90 -18.90 25.12
C ALA A 363 20.45 -18.77 25.60
N GLY A 364 20.25 -18.78 26.92
CA GLY A 364 18.93 -18.62 27.51
C GLY A 364 18.71 -17.29 28.22
N LYS A 365 19.62 -16.35 28.00
CA LYS A 365 19.60 -15.07 28.71
C LYS A 365 19.61 -13.94 27.71
N PRO A 366 19.06 -12.77 28.07
CA PRO A 366 18.97 -11.61 27.18
C PRO A 366 20.25 -11.26 26.43
N ALA A 367 20.06 -10.87 25.18
CA ALA A 367 21.12 -10.29 24.38
C ALA A 367 20.96 -8.78 24.41
N LEU A 368 22.05 -8.07 24.59
CA LEU A 368 21.96 -6.63 24.63
C LEU A 368 22.44 -6.01 23.32
N LEU A 369 21.55 -5.32 22.62
CA LEU A 369 21.92 -4.66 21.38
C LEU A 369 22.17 -3.17 21.60
N ARG A 370 23.31 -2.70 21.09
CA ARG A 370 23.70 -1.30 21.22
C ARG A 370 24.12 -0.76 19.87
N PRO A 371 23.81 0.51 19.60
CA PRO A 371 24.33 1.16 18.39
C PRO A 371 25.84 1.33 18.43
N VAL A 372 26.49 1.10 17.30
CA VAL A 372 27.92 1.34 17.14
C VAL A 372 28.14 2.12 15.85
N SER A 373 28.88 3.22 15.92
CA SER A 373 29.18 3.97 14.70
C SER A 373 30.47 3.49 14.04
N GLY A 374 30.54 3.63 12.72
CA GLY A 374 31.74 3.28 11.98
C GLY A 374 32.81 4.36 12.09
N ASN A 383 39.30 -7.38 24.73
CA ASN A 383 40.62 -7.70 24.20
C ASN A 383 41.05 -9.12 24.54
N GLY A 384 40.99 -9.49 25.82
CA GLY A 384 41.44 -10.79 26.27
C GLY A 384 40.45 -11.92 26.06
N ASN A 385 40.16 -12.67 27.12
CA ASN A 385 39.19 -13.75 27.06
C ASN A 385 37.84 -13.35 27.63
N GLY A 386 37.82 -12.24 28.36
CA GLY A 386 36.60 -11.75 28.96
C GLY A 386 36.50 -12.10 30.45
N PRO A 387 35.42 -11.67 31.12
CA PRO A 387 34.24 -10.97 30.58
C PRO A 387 34.53 -9.55 30.09
N PHE A 388 33.64 -9.05 29.23
CA PHE A 388 33.84 -7.74 28.62
C PHE A 388 32.82 -6.73 29.15
N PRO A 389 33.32 -5.61 29.69
CA PRO A 389 32.46 -4.55 30.21
C PRO A 389 31.53 -3.97 29.15
N ALA A 390 30.30 -3.69 29.55
CA ALA A 390 29.33 -3.02 28.69
C ALA A 390 29.80 -1.61 28.38
N VAL A 391 29.63 -1.19 27.14
CA VAL A 391 29.93 0.18 26.77
C VAL A 391 28.65 0.99 26.90
N SER A 392 28.72 2.18 27.51
CA SER A 392 27.49 2.93 27.72
C SER A 392 27.04 3.58 26.43
N THR A 393 25.72 3.55 26.18
CA THR A 393 25.09 4.21 25.03
C THR A 393 23.81 4.88 25.50
N ASP A 394 23.31 5.84 24.73
CA ASP A 394 22.05 6.50 25.07
CA ASP A 394 22.04 6.49 25.07
C ASP A 394 20.85 5.66 24.60
N TYR A 395 21.14 4.55 23.91
CA TYR A 395 20.09 3.62 23.49
C TYR A 395 20.48 2.16 23.66
N VAL A 396 19.55 1.36 24.18
CA VAL A 396 19.76 -0.09 24.24
CA VAL A 396 19.74 -0.07 24.27
C VAL A 396 18.47 -0.80 23.86
N TYR A 397 18.62 -1.97 23.23
CA TYR A 397 17.51 -2.85 22.93
C TYR A 397 17.88 -4.22 23.47
N LEU A 398 17.21 -4.61 24.55
CA LEU A 398 17.54 -5.85 25.22
C LEU A 398 16.62 -6.91 24.66
N LEU A 399 17.16 -8.04 24.20
CA LEU A 399 16.31 -9.03 23.53
C LEU A 399 16.46 -10.42 24.10
N MET A 400 15.34 -10.99 24.54
CA MET A 400 15.32 -12.34 25.06
C MET A 400 15.44 -13.34 23.92
N PRO A 401 16.29 -14.37 24.09
CA PRO A 401 16.34 -15.43 23.06
C PRO A 401 15.14 -16.38 23.14
N VAL A 402 15.00 -17.21 22.11
CA VAL A 402 14.10 -18.34 22.14
C VAL A 402 14.95 -19.60 22.21
N ARG A 403 14.38 -20.69 22.74
CA ARG A 403 15.14 -21.92 22.91
C ARG A 403 15.29 -22.65 21.58
N LEU A 404 16.47 -23.24 21.39
CA LEU A 404 16.75 -24.09 20.23
C LEU A 404 15.92 -25.36 20.32
N PRO A 405 15.49 -25.90 19.16
CA PRO A 405 14.68 -27.13 19.16
C PRO A 405 15.41 -28.34 19.74
N ASP B 16 21.95 -35.23 -10.17
CA ASP B 16 20.72 -35.05 -10.94
C ASP B 16 20.79 -33.77 -11.77
N LEU B 17 19.65 -33.09 -11.92
CA LEU B 17 19.65 -31.73 -12.46
C LEU B 17 20.54 -30.81 -11.64
N THR B 18 21.52 -30.18 -12.30
CA THR B 18 22.29 -29.11 -11.67
C THR B 18 22.63 -28.05 -12.72
N PHE B 19 22.35 -26.79 -12.41
CA PHE B 19 22.56 -25.71 -13.37
C PHE B 19 23.02 -24.43 -12.68
N ARG B 20 23.43 -23.46 -13.49
CA ARG B 20 23.88 -22.15 -13.01
C ARG B 20 23.42 -21.05 -13.97
N LEU B 21 22.84 -19.99 -13.42
CA LEU B 21 22.44 -18.84 -14.21
C LEU B 21 22.37 -17.59 -13.32
N LEU B 22 22.36 -16.42 -13.95
CA LEU B 22 22.31 -15.17 -13.21
C LEU B 22 20.95 -15.02 -12.52
N ARG B 23 20.96 -14.37 -11.36
CA ARG B 23 19.77 -14.27 -10.52
C ARG B 23 18.60 -13.58 -11.22
N GLU B 24 18.87 -12.43 -11.84
CA GLU B 24 17.85 -11.60 -12.46
C GLU B 24 17.05 -12.34 -13.53
N SER B 25 17.74 -13.22 -14.26
CA SER B 25 17.12 -14.03 -15.30
C SER B 25 16.21 -15.08 -14.67
N PHE B 26 16.75 -15.79 -13.67
CA PHE B 26 16.05 -16.82 -12.93
C PHE B 26 14.78 -16.26 -12.30
N ALA B 27 14.93 -15.14 -11.61
CA ALA B 27 13.82 -14.49 -10.93
C ALA B 27 12.74 -14.00 -11.91
N ASP B 28 13.16 -13.44 -13.03
CA ASP B 28 12.21 -12.97 -14.05
C ASP B 28 11.40 -14.14 -14.58
N ALA B 29 12.06 -15.27 -14.81
CA ALA B 29 11.38 -16.43 -15.32
C ALA B 29 10.42 -17.01 -14.27
N VAL B 30 10.90 -17.18 -13.04
CA VAL B 30 10.08 -17.77 -11.97
C VAL B 30 8.86 -16.91 -11.61
N SER B 31 9.05 -15.59 -11.56
CA SER B 31 7.98 -14.69 -11.15
CA SER B 31 7.97 -14.71 -11.13
C SER B 31 6.81 -14.73 -12.13
N TRP B 32 7.14 -14.77 -13.40
CA TRP B 32 6.12 -14.77 -14.44
C TRP B 32 5.27 -16.06 -14.44
N VAL B 33 5.89 -17.17 -14.08
CA VAL B 33 5.13 -18.41 -13.91
C VAL B 33 4.21 -18.21 -12.71
N ALA B 34 4.74 -17.58 -11.67
CA ALA B 34 3.98 -17.33 -10.46
C ALA B 34 3.00 -16.13 -10.59
N LYS B 35 3.15 -15.29 -11.60
CA LYS B 35 2.17 -14.22 -11.80
C LYS B 35 0.97 -14.71 -12.62
N ASN B 36 1.15 -15.85 -13.29
CA ASN B 36 0.11 -16.37 -14.18
C ASN B 36 -0.63 -17.57 -13.58
N LEU B 37 -0.24 -18.00 -12.39
CA LEU B 37 -0.79 -19.24 -11.84
C LEU B 37 -1.84 -19.12 -10.71
N PRO B 38 -1.68 -18.16 -9.78
CA PRO B 38 -0.56 -17.27 -9.47
C PRO B 38 0.27 -17.80 -8.31
N ALA B 42 -6.66 -26.93 -4.34
CA ALA B 42 -7.16 -27.98 -5.23
C ALA B 42 -6.33 -29.26 -5.10
N VAL B 43 -5.33 -29.39 -5.96
CA VAL B 43 -4.36 -30.47 -5.85
C VAL B 43 -3.08 -29.88 -5.26
N PRO B 44 -2.57 -30.49 -4.16
CA PRO B 44 -1.39 -29.94 -3.47
C PRO B 44 -0.14 -30.00 -4.35
N VAL B 45 -0.20 -30.80 -5.41
CA VAL B 45 0.91 -30.95 -6.35
C VAL B 45 1.02 -29.72 -7.26
N LEU B 46 -0.07 -28.95 -7.34
CA LEU B 46 -0.11 -27.72 -8.13
C LEU B 46 0.51 -26.54 -7.39
N SER B 47 0.99 -26.77 -6.17
CA SER B 47 1.73 -25.75 -5.42
C SER B 47 3.16 -25.70 -5.94
N GLY B 48 3.56 -26.76 -6.62
CA GLY B 48 4.90 -26.87 -7.14
C GLY B 48 5.10 -26.23 -8.50
N VAL B 49 6.36 -25.96 -8.83
CA VAL B 49 6.75 -25.53 -10.16
CA VAL B 49 6.74 -25.56 -10.18
C VAL B 49 7.82 -26.48 -10.66
N LEU B 50 7.76 -26.82 -11.95
CA LEU B 50 8.69 -27.74 -12.57
C LEU B 50 9.89 -27.00 -13.15
N LEU B 51 11.09 -27.43 -12.77
CA LEU B 51 12.30 -26.93 -13.38
C LEU B 51 12.91 -28.00 -14.27
N THR B 52 13.11 -27.66 -15.53
CA THR B 52 13.69 -28.60 -16.50
C THR B 52 14.88 -27.96 -17.17
N GLY B 53 16.01 -28.64 -17.14
CA GLY B 53 17.20 -28.15 -17.79
C GLY B 53 17.56 -29.07 -18.94
N SER B 54 17.70 -28.50 -20.13
CA SER B 54 18.13 -29.24 -21.32
C SER B 54 19.08 -28.41 -22.15
N ASP B 55 20.11 -29.06 -22.69
CA ASP B 55 21.09 -28.40 -23.53
C ASP B 55 21.71 -27.18 -22.86
N ASN B 56 21.30 -26.00 -23.31
CA ASN B 56 21.80 -24.75 -22.77
C ASN B 56 20.66 -23.86 -22.30
N GLY B 57 19.55 -24.48 -21.88
CA GLY B 57 18.37 -23.73 -21.47
C GLY B 57 17.60 -24.28 -20.27
N LEU B 58 17.01 -23.35 -19.52
CA LEU B 58 16.21 -23.71 -18.35
C LEU B 58 14.74 -23.42 -18.59
N THR B 59 13.90 -24.42 -18.35
CA THR B 59 12.46 -24.25 -18.46
C THR B 59 11.80 -24.30 -17.08
N ILE B 60 10.97 -23.29 -16.82
CA ILE B 60 10.18 -23.18 -15.59
C ILE B 60 8.68 -23.25 -15.92
N SER B 61 8.00 -24.29 -15.45
CA SER B 61 6.61 -24.55 -15.81
C SER B 61 5.65 -24.57 -14.62
N GLY B 62 4.46 -24.03 -14.81
CA GLY B 62 3.38 -24.13 -13.84
C GLY B 62 2.05 -24.41 -14.54
N PHE B 63 1.20 -25.22 -13.91
CA PHE B 63 -0.12 -25.54 -14.49
C PHE B 63 -1.18 -25.60 -13.42
N ASP B 64 -2.37 -25.09 -13.71
CA ASP B 64 -3.44 -25.08 -12.73
C ASP B 64 -4.76 -25.66 -13.32
N TYR B 65 -4.65 -26.23 -14.52
CA TYR B 65 -5.77 -26.82 -15.30
C TYR B 65 -6.59 -25.76 -16.03
N GLU B 66 -6.59 -24.53 -15.51
CA GLU B 66 -7.22 -23.42 -16.23
C GLU B 66 -6.18 -22.64 -17.01
N VAL B 67 -5.08 -22.35 -16.34
CA VAL B 67 -3.99 -21.59 -16.92
C VAL B 67 -2.66 -22.33 -16.74
N SER B 68 -1.88 -22.39 -17.80
CA SER B 68 -0.54 -22.92 -17.72
C SER B 68 0.40 -21.78 -18.03
N ALA B 69 1.61 -21.81 -17.48
CA ALA B 69 2.60 -20.82 -17.82
C ALA B 69 3.98 -21.45 -17.79
N GLU B 70 4.81 -21.02 -18.72
CA GLU B 70 6.08 -21.67 -18.94
C GLU B 70 7.08 -20.64 -19.41
N ALA B 71 8.23 -20.57 -18.74
CA ALA B 71 9.24 -19.60 -19.13
C ALA B 71 10.54 -20.33 -19.43
N GLN B 72 11.18 -19.94 -20.53
CA GLN B 72 12.43 -20.52 -20.97
C GLN B 72 13.52 -19.48 -20.88
N VAL B 73 14.66 -19.84 -20.28
CA VAL B 73 15.82 -18.94 -20.24
C VAL B 73 17.15 -19.66 -20.46
N GLY B 74 18.16 -18.88 -20.84
CA GLY B 74 19.49 -19.40 -21.01
C GLY B 74 20.07 -19.75 -19.64
N ALA B 75 20.72 -20.91 -19.57
CA ALA B 75 21.36 -21.35 -18.34
C ALA B 75 22.53 -22.27 -18.64
N GLU B 76 23.52 -22.26 -17.76
CA GLU B 76 24.59 -23.23 -17.85
C GLU B 76 24.08 -24.55 -17.27
N ILE B 77 23.73 -25.48 -18.15
CA ILE B 77 23.28 -26.80 -17.70
C ILE B 77 24.46 -27.74 -17.50
N VAL B 78 24.87 -27.92 -16.25
CA VAL B 78 25.99 -28.80 -15.91
C VAL B 78 25.57 -30.27 -15.99
N SER B 79 24.29 -30.53 -15.79
CA SER B 79 23.75 -31.90 -15.82
C SER B 79 22.23 -31.88 -15.96
N PRO B 80 21.72 -32.25 -17.15
CA PRO B 80 20.29 -32.23 -17.53
C PRO B 80 19.38 -32.93 -16.52
N GLY B 81 18.09 -32.58 -16.54
CA GLY B 81 17.12 -33.20 -15.66
C GLY B 81 15.93 -32.33 -15.27
N SER B 82 15.09 -32.86 -14.39
CA SER B 82 13.86 -32.20 -14.00
C SER B 82 13.69 -32.19 -12.48
N VAL B 83 13.02 -31.17 -11.94
CA VAL B 83 12.69 -31.17 -10.51
C VAL B 83 11.43 -30.35 -10.21
N LEU B 84 10.65 -30.82 -9.25
CA LEU B 84 9.42 -30.16 -8.84
C LEU B 84 9.52 -29.63 -7.40
N VAL B 85 9.45 -28.30 -7.27
CA VAL B 85 9.62 -27.64 -5.98
CA VAL B 85 9.58 -27.64 -5.97
C VAL B 85 8.48 -26.64 -5.76
N SER B 86 8.31 -26.19 -4.53
CA SER B 86 7.31 -25.17 -4.21
C SER B 86 7.54 -23.86 -5.00
N GLY B 87 6.53 -23.46 -5.76
CA GLY B 87 6.57 -22.22 -6.51
C GLY B 87 6.63 -20.97 -5.64
N ARG B 88 5.73 -20.89 -4.68
CA ARG B 88 5.69 -19.79 -3.73
C ARG B 88 7.06 -19.56 -3.09
N LEU B 89 7.64 -20.65 -2.58
CA LEU B 89 8.93 -20.57 -1.91
C LEU B 89 10.05 -20.19 -2.88
N LEU B 90 10.08 -20.81 -4.05
CA LEU B 90 11.12 -20.50 -5.03
C LEU B 90 11.00 -19.04 -5.50
N SER B 91 9.77 -18.60 -5.65
CA SER B 91 9.49 -17.21 -6.02
C SER B 91 10.01 -16.25 -4.95
N ASP B 92 9.63 -16.49 -3.70
CA ASP B 92 10.08 -15.63 -2.60
C ASP B 92 11.60 -15.56 -2.52
N ILE B 93 12.27 -16.71 -2.62
CA ILE B 93 13.72 -16.75 -2.49
C ILE B 93 14.43 -16.06 -3.65
N THR B 94 14.02 -16.36 -4.88
CA THR B 94 14.73 -15.80 -6.04
C THR B 94 14.52 -14.29 -6.13
N ARG B 95 13.39 -13.79 -5.62
CA ARG B 95 13.18 -12.35 -5.57
C ARG B 95 14.09 -11.67 -4.55
N ALA B 96 14.37 -12.35 -3.44
CA ALA B 96 15.11 -11.75 -2.35
C ALA B 96 16.60 -12.03 -2.44
N LEU B 97 17.03 -12.55 -3.58
CA LEU B 97 18.40 -12.96 -3.73
C LEU B 97 19.22 -11.81 -4.29
N PRO B 98 20.48 -11.70 -3.87
CA PRO B 98 21.39 -10.70 -4.45
C PRO B 98 21.59 -10.96 -5.94
N ASN B 99 21.89 -9.90 -6.70
CA ASN B 99 22.14 -10.06 -8.12
C ASN B 99 23.50 -10.73 -8.37
N LYS B 100 23.54 -12.02 -8.06
CA LYS B 100 24.72 -12.85 -8.21
C LYS B 100 24.37 -14.09 -9.03
N PRO B 101 25.37 -14.86 -9.45
CA PRO B 101 25.04 -16.16 -10.05
C PRO B 101 24.37 -17.09 -9.03
N VAL B 102 23.38 -17.85 -9.50
CA VAL B 102 22.69 -18.82 -8.66
C VAL B 102 23.08 -20.22 -9.10
N ASP B 103 23.55 -21.02 -8.16
CA ASP B 103 23.82 -22.42 -8.44
C ASP B 103 22.69 -23.26 -7.89
N VAL B 104 22.20 -24.17 -8.71
CA VAL B 104 21.16 -25.09 -8.28
C VAL B 104 21.66 -26.51 -8.50
N HIS B 105 21.44 -27.36 -7.51
CA HIS B 105 21.93 -28.72 -7.56
C HIS B 105 20.93 -29.65 -6.88
N VAL B 106 20.42 -30.61 -7.64
CA VAL B 106 19.45 -31.55 -7.08
C VAL B 106 20.19 -32.80 -6.62
N GLU B 107 20.19 -33.02 -5.30
CA GLU B 107 20.85 -34.18 -4.72
C GLU B 107 19.90 -34.88 -3.76
N GLY B 108 19.58 -36.13 -4.06
CA GLY B 108 18.62 -36.89 -3.28
C GLY B 108 17.21 -36.44 -3.60
N ASN B 109 16.42 -36.19 -2.56
CA ASN B 109 15.08 -35.62 -2.74
C ASN B 109 15.04 -34.18 -2.24
N ARG B 110 16.15 -33.46 -2.46
CA ARG B 110 16.27 -32.08 -2.05
C ARG B 110 16.98 -31.26 -3.11
N VAL B 111 16.62 -29.99 -3.20
CA VAL B 111 17.27 -29.05 -4.10
C VAL B 111 18.15 -28.10 -3.32
N ALA B 112 19.44 -28.07 -3.64
CA ALA B 112 20.32 -27.07 -3.06
C ALA B 112 20.39 -25.88 -4.00
N LEU B 113 20.16 -24.70 -3.43
CA LEU B 113 20.29 -23.45 -4.16
C LEU B 113 21.35 -22.64 -3.44
N THR B 114 22.31 -22.13 -4.19
CA THR B 114 23.43 -21.38 -3.63
C THR B 114 23.58 -20.06 -4.38
N CYS B 115 23.71 -18.97 -3.64
CA CYS B 115 23.90 -17.67 -4.25
C CYS B 115 24.77 -16.84 -3.33
N GLY B 116 26.06 -16.77 -3.66
CA GLY B 116 27.05 -16.15 -2.81
C GLY B 116 27.20 -16.95 -1.54
N ASN B 117 26.97 -16.29 -0.41
CA ASN B 117 27.16 -16.91 0.90
C ASN B 117 25.89 -17.53 1.43
N ALA B 118 24.81 -17.42 0.67
CA ALA B 118 23.52 -17.92 1.11
C ALA B 118 23.24 -19.29 0.50
N ARG B 119 22.84 -20.22 1.35
CA ARG B 119 22.59 -21.58 0.90
C ARG B 119 21.19 -22.03 1.32
N PHE B 120 20.44 -22.55 0.36
CA PHE B 120 19.07 -23.00 0.59
C PHE B 120 18.95 -24.48 0.26
N SER B 121 18.19 -25.22 1.08
CA SER B 121 17.91 -26.62 0.80
C SER B 121 16.41 -26.88 0.89
N LEU B 122 15.80 -27.22 -0.24
CA LEU B 122 14.35 -27.34 -0.34
C LEU B 122 13.91 -28.77 -0.61
N PRO B 123 12.78 -29.19 -0.02
CA PRO B 123 12.24 -30.50 -0.34
C PRO B 123 11.64 -30.53 -1.74
N THR B 124 11.73 -31.67 -2.41
CA THR B 124 11.16 -31.82 -3.74
C THR B 124 9.83 -32.55 -3.68
N MET B 125 9.21 -32.68 -4.84
CA MET B 125 8.04 -33.52 -5.00
C MET B 125 8.29 -34.34 -6.25
N PRO B 126 7.72 -35.55 -6.34
CA PRO B 126 8.00 -36.43 -7.48
C PRO B 126 7.48 -35.86 -8.79
N VAL B 127 8.33 -35.81 -9.82
CA VAL B 127 7.96 -35.22 -11.10
C VAL B 127 6.81 -35.95 -11.79
N GLU B 128 6.69 -37.25 -11.54
CA GLU B 128 5.70 -38.08 -12.18
C GLU B 128 4.26 -37.62 -11.90
N ASP B 129 4.06 -36.95 -10.77
CA ASP B 129 2.74 -36.50 -10.38
C ASP B 129 2.34 -35.18 -11.05
N TYR B 130 3.28 -34.53 -11.71
CA TYR B 130 2.97 -33.24 -12.31
C TYR B 130 2.23 -33.40 -13.62
N PRO B 131 1.05 -32.77 -13.73
CA PRO B 131 0.26 -32.81 -14.97
C PRO B 131 1.02 -32.28 -16.17
N THR B 132 0.76 -32.84 -17.34
CA THR B 132 1.34 -32.32 -18.58
C THR B 132 0.71 -30.98 -18.94
N LEU B 133 1.54 -30.03 -19.36
CA LEU B 133 1.06 -28.73 -19.79
C LEU B 133 0.50 -28.81 -21.20
N PRO B 134 -0.68 -28.22 -21.42
CA PRO B 134 -1.33 -28.29 -22.72
C PRO B 134 -0.46 -27.70 -23.83
N THR B 135 -0.64 -28.21 -25.05
CA THR B 135 0.04 -27.68 -26.22
C THR B 135 -0.58 -26.36 -26.64
N LEU B 136 0.23 -25.41 -27.08
CA LEU B 136 -0.32 -24.20 -27.67
C LEU B 136 -0.92 -24.51 -29.04
N PRO B 137 -2.04 -23.84 -29.38
CA PRO B 137 -2.57 -23.91 -30.74
C PRO B 137 -1.56 -23.35 -31.74
N GLU B 138 -1.83 -23.51 -33.03
CA GLU B 138 -1.06 -22.81 -34.05
C GLU B 138 -1.23 -21.29 -33.90
N GLU B 139 -0.16 -20.58 -34.19
CA GLU B 139 -0.14 -19.13 -34.08
C GLU B 139 -1.12 -18.49 -35.07
N THR B 140 -1.84 -17.50 -34.57
CA THR B 140 -2.89 -16.85 -35.35
C THR B 140 -2.45 -15.48 -35.84
N GLY B 141 -1.62 -14.80 -35.03
CA GLY B 141 -1.09 -13.50 -35.39
C GLY B 141 -0.16 -12.92 -34.33
N LEU B 142 0.51 -11.82 -34.66
CA LEU B 142 1.40 -11.16 -33.70
C LEU B 142 1.23 -9.66 -33.77
N LEU B 143 1.53 -9.00 -32.66
CA LEU B 143 1.47 -7.55 -32.54
C LEU B 143 2.51 -7.13 -31.51
N PRO B 144 2.83 -5.84 -31.44
CA PRO B 144 3.77 -5.39 -30.40
C PRO B 144 3.22 -5.61 -28.97
N ALA B 145 4.06 -6.07 -28.05
CA ALA B 145 3.63 -6.30 -26.66
C ALA B 145 3.03 -5.03 -26.01
N GLU B 146 3.58 -3.88 -26.31
CA GLU B 146 3.13 -2.63 -25.73
C GLU B 146 1.71 -2.33 -26.15
N LEU B 147 1.42 -2.56 -27.42
CA LEU B 147 0.10 -2.32 -27.97
C LEU B 147 -0.90 -3.25 -27.28
N PHE B 148 -0.53 -4.53 -27.22
CA PHE B 148 -1.34 -5.53 -26.56
C PHE B 148 -1.62 -5.17 -25.09
N ALA B 149 -0.56 -4.82 -24.36
CA ALA B 149 -0.69 -4.40 -22.96
C ALA B 149 -1.63 -3.21 -22.81
N GLU B 150 -1.45 -2.17 -23.62
CA GLU B 150 -2.32 -0.98 -23.56
C GLU B 150 -3.78 -1.31 -23.90
N ALA B 151 -3.97 -2.01 -25.00
CA ALA B 151 -5.31 -2.30 -25.49
C ALA B 151 -6.08 -3.12 -24.44
N ILE B 152 -5.42 -4.14 -23.92
CA ILE B 152 -6.07 -5.03 -22.97
C ILE B 152 -6.38 -4.28 -21.67
N SER B 153 -5.46 -3.45 -21.19
CA SER B 153 -5.74 -2.77 -19.92
C SER B 153 -6.87 -1.76 -20.14
N GLN B 154 -6.93 -1.19 -21.34
CA GLN B 154 -8.00 -0.27 -21.71
C GLN B 154 -9.39 -0.89 -21.59
N VAL B 155 -9.51 -2.12 -22.09
CA VAL B 155 -10.80 -2.77 -22.23
C VAL B 155 -11.18 -3.55 -20.97
N ALA B 156 -10.18 -4.12 -20.30
CA ALA B 156 -10.45 -4.99 -19.14
C ALA B 156 -11.16 -4.26 -18.01
N ILE B 157 -10.98 -2.93 -17.94
CA ILE B 157 -11.60 -2.15 -16.88
C ILE B 157 -13.13 -2.26 -16.90
N ALA B 158 -13.69 -2.57 -18.07
CA ALA B 158 -15.12 -2.62 -18.24
C ALA B 158 -15.67 -4.01 -17.99
N ALA B 159 -14.77 -4.99 -17.87
CA ALA B 159 -15.22 -6.38 -17.70
C ALA B 159 -15.93 -6.55 -16.36
N GLY B 160 -16.88 -7.46 -16.32
CA GLY B 160 -17.50 -7.81 -15.06
C GLY B 160 -16.59 -8.82 -14.40
N ARG B 161 -15.40 -8.39 -14.02
CA ARG B 161 -14.51 -9.25 -13.25
C ARG B 161 -15.24 -9.58 -11.95
N ASP B 162 -15.10 -10.81 -11.50
CA ASP B 162 -15.74 -11.27 -10.25
C ASP B 162 -17.26 -11.24 -10.33
N ASP B 163 -17.78 -11.24 -11.56
CA ASP B 163 -19.21 -11.39 -11.77
C ASP B 163 -19.61 -12.85 -11.67
N THR B 164 -20.81 -13.11 -11.16
CA THR B 164 -21.35 -14.47 -11.09
C THR B 164 -21.99 -14.91 -12.43
N LEU B 165 -22.04 -13.99 -13.41
CA LEU B 165 -22.49 -14.32 -14.76
C LEU B 165 -21.28 -14.43 -15.68
N PRO B 166 -20.86 -15.66 -15.97
CA PRO B 166 -19.61 -15.96 -16.69
C PRO B 166 -19.38 -15.14 -17.95
N MET B 167 -20.41 -14.86 -18.73
CA MET B 167 -20.25 -14.08 -19.96
C MET B 167 -19.61 -12.70 -19.72
N LEU B 168 -20.00 -12.03 -18.65
CA LEU B 168 -19.49 -10.70 -18.37
C LEU B 168 -18.05 -10.70 -17.88
N THR B 169 -17.53 -11.87 -17.48
CA THR B 169 -16.16 -11.97 -16.96
C THR B 169 -15.10 -12.11 -18.06
N GLY B 170 -15.53 -12.09 -19.32
CA GLY B 170 -14.63 -12.30 -20.43
C GLY B 170 -14.23 -11.04 -21.18
N ILE B 171 -13.14 -11.14 -21.93
CA ILE B 171 -12.83 -10.13 -22.95
C ILE B 171 -13.08 -10.81 -24.29
N ARG B 172 -13.97 -10.21 -25.09
CA ARG B 172 -14.25 -10.68 -26.44
C ARG B 172 -13.12 -10.29 -27.40
N VAL B 173 -12.63 -11.26 -28.15
CA VAL B 173 -11.59 -11.01 -29.15
C VAL B 173 -12.18 -11.36 -30.52
N GLU B 174 -12.36 -10.35 -31.37
CA GLU B 174 -12.79 -10.57 -32.76
C GLU B 174 -11.61 -10.36 -33.67
N ILE B 175 -11.35 -11.34 -34.53
CA ILE B 175 -10.31 -11.25 -35.51
C ILE B 175 -10.89 -11.31 -36.93
N LEU B 176 -10.49 -10.37 -37.77
CA LEU B 176 -10.77 -10.46 -39.20
C LEU B 176 -9.55 -9.93 -39.97
N GLY B 177 -8.80 -10.85 -40.57
CA GLY B 177 -7.56 -10.50 -41.24
C GLY B 177 -6.68 -9.73 -40.28
N GLU B 178 -6.25 -8.56 -40.73
CA GLU B 178 -5.32 -7.74 -39.94
C GLU B 178 -5.99 -6.90 -38.84
N THR B 179 -7.30 -7.06 -38.67
CA THR B 179 -8.02 -6.28 -37.68
C THR B 179 -8.44 -7.14 -36.48
N VAL B 180 -8.16 -6.60 -35.29
CA VAL B 180 -8.57 -7.19 -34.02
C VAL B 180 -9.49 -6.18 -33.34
N VAL B 181 -10.65 -6.64 -32.86
CA VAL B 181 -11.51 -5.85 -32.02
C VAL B 181 -11.63 -6.49 -30.65
N LEU B 182 -11.33 -5.73 -29.60
CA LEU B 182 -11.44 -6.20 -28.23
C LEU B 182 -12.62 -5.49 -27.56
N ALA B 183 -13.47 -6.24 -26.86
CA ALA B 183 -14.60 -5.64 -26.12
C ALA B 183 -14.86 -6.30 -24.75
N ALA B 184 -15.36 -5.52 -23.79
CA ALA B 184 -15.73 -6.00 -22.46
C ALA B 184 -16.88 -5.19 -21.89
N THR B 185 -17.74 -5.83 -21.10
CA THR B 185 -18.84 -5.11 -20.48
C THR B 185 -19.22 -5.73 -19.15
N ASP B 186 -19.77 -4.91 -18.26
CA ASP B 186 -20.35 -5.43 -17.04
C ASP B 186 -21.83 -5.07 -16.95
N ARG B 187 -22.41 -4.73 -18.12
CA ARG B 187 -23.79 -4.25 -18.30
C ARG B 187 -23.95 -2.74 -18.08
N PHE B 188 -22.94 -2.10 -17.50
CA PHE B 188 -23.10 -0.67 -17.21
C PHE B 188 -22.15 0.17 -18.06
N ARG B 189 -20.96 -0.35 -18.36
CA ARG B 189 -20.06 0.24 -19.33
C ARG B 189 -19.65 -0.81 -20.35
N LEU B 190 -19.32 -0.35 -21.54
CA LEU B 190 -18.85 -1.22 -22.61
C LEU B 190 -17.66 -0.55 -23.22
N ALA B 191 -16.53 -1.25 -23.22
CA ALA B 191 -15.30 -0.72 -23.78
C ALA B 191 -14.95 -1.51 -25.03
N VAL B 192 -14.64 -0.79 -26.09
CA VAL B 192 -14.28 -1.40 -27.37
C VAL B 192 -12.99 -0.82 -27.92
N ARG B 193 -12.04 -1.70 -28.22
CA ARG B 193 -10.78 -1.26 -28.80
C ARG B 193 -10.51 -1.99 -30.10
N GLU B 194 -10.23 -1.24 -31.15
CA GLU B 194 -9.84 -1.81 -32.43
C GLU B 194 -8.36 -1.56 -32.66
N LEU B 195 -7.64 -2.56 -33.16
CA LEU B 195 -6.23 -2.37 -33.50
C LEU B 195 -5.83 -3.16 -34.73
N LYS B 196 -4.64 -2.89 -35.27
CA LYS B 196 -4.08 -3.64 -36.39
C LYS B 196 -2.97 -4.57 -35.94
N TRP B 197 -2.93 -5.79 -36.47
CA TRP B 197 -1.82 -6.70 -36.16
C TRP B 197 -1.30 -7.40 -37.41
N SER B 198 -0.24 -8.20 -37.23
CA SER B 198 0.24 -9.06 -38.29
C SER B 198 -0.48 -10.41 -38.25
N ALA B 199 -1.38 -10.63 -39.21
CA ALA B 199 -2.16 -11.86 -39.26
C ALA B 199 -1.39 -13.00 -39.90
N SER B 200 -1.60 -14.21 -39.42
CA SER B 200 -0.97 -15.39 -40.03
C SER B 200 -1.42 -15.59 -41.49
N SER B 201 -2.64 -15.18 -41.81
CA SER B 201 -3.13 -15.17 -43.19
C SER B 201 -4.24 -14.11 -43.32
N PRO B 202 -4.49 -13.63 -44.56
CA PRO B 202 -5.38 -12.48 -44.77
C PRO B 202 -6.84 -12.77 -44.46
N ASP B 203 -7.23 -14.03 -44.42
CA ASP B 203 -8.64 -14.35 -44.29
C ASP B 203 -8.97 -15.01 -42.98
N ILE B 204 -8.01 -15.04 -42.07
CA ILE B 204 -8.25 -15.62 -40.74
C ILE B 204 -9.46 -14.90 -40.13
N GLU B 205 -10.37 -15.66 -39.55
CA GLU B 205 -11.59 -15.10 -38.99
C GLU B 205 -11.96 -15.84 -37.72
N ALA B 206 -12.25 -15.09 -36.65
CA ALA B 206 -12.59 -15.71 -35.38
C ALA B 206 -13.22 -14.73 -34.41
N ALA B 207 -13.98 -15.28 -33.47
CA ALA B 207 -14.51 -14.52 -32.35
C ALA B 207 -14.55 -15.42 -31.13
N VAL B 208 -13.72 -15.13 -30.14
CA VAL B 208 -13.65 -15.98 -28.97
C VAL B 208 -13.90 -15.10 -27.74
N LEU B 209 -14.02 -15.72 -26.57
CA LEU B 209 -14.23 -15.00 -25.32
C LEU B 209 -13.26 -15.52 -24.26
N VAL B 210 -12.47 -14.61 -23.70
CA VAL B 210 -11.34 -14.96 -22.86
C VAL B 210 -11.51 -14.39 -21.47
N PRO B 211 -11.29 -15.21 -20.42
CA PRO B 211 -11.39 -14.70 -19.05
C PRO B 211 -10.57 -13.41 -18.89
N ALA B 212 -11.22 -12.34 -18.44
CA ALA B 212 -10.58 -11.02 -18.49
C ALA B 212 -9.39 -10.89 -17.54
N LYS B 213 -9.47 -11.49 -16.36
CA LYS B 213 -8.44 -11.32 -15.35
C LYS B 213 -7.13 -12.00 -15.77
N THR B 214 -7.26 -13.24 -16.22
CA THR B 214 -6.14 -13.96 -16.81
C THR B 214 -5.50 -13.18 -17.97
N LEU B 215 -6.32 -12.69 -18.89
CA LEU B 215 -5.81 -11.93 -20.01
C LEU B 215 -5.10 -10.66 -19.53
N ALA B 216 -5.74 -9.92 -18.62
CA ALA B 216 -5.18 -8.68 -18.11
C ALA B 216 -3.85 -8.92 -17.44
N GLU B 217 -3.74 -10.08 -16.77
CA GLU B 217 -2.54 -10.41 -16.04
C GLU B 217 -1.41 -10.79 -17.01
N ALA B 218 -1.77 -11.51 -18.07
CA ALA B 218 -0.81 -11.85 -19.11
C ALA B 218 -0.28 -10.58 -19.81
N ALA B 219 -1.19 -9.76 -20.32
CA ALA B 219 -0.81 -8.56 -21.04
C ALA B 219 0.00 -7.61 -20.15
N LYS B 220 -0.22 -7.70 -18.84
CA LYS B 220 0.47 -6.86 -17.88
C LYS B 220 1.94 -7.22 -17.82
N ALA B 221 2.22 -8.50 -17.60
CA ALA B 221 3.60 -8.97 -17.55
C ALA B 221 4.20 -9.09 -18.96
N GLY B 222 3.37 -8.84 -19.98
CA GLY B 222 3.82 -8.88 -21.35
C GLY B 222 4.55 -7.63 -21.78
N GLY B 224 7.42 -4.79 -20.71
CA GLY B 224 7.50 -6.09 -21.36
C GLY B 224 8.50 -6.24 -22.49
N GLY B 225 8.27 -7.21 -23.37
CA GLY B 225 9.19 -7.51 -24.46
C GLY B 225 8.89 -6.72 -25.72
N SER B 226 9.24 -7.27 -26.89
CA SER B 226 8.91 -6.57 -28.12
C SER B 226 7.62 -7.12 -28.75
N ASP B 227 7.50 -8.43 -28.88
CA ASP B 227 6.35 -9.06 -29.56
C ASP B 227 5.45 -9.85 -28.63
N VAL B 228 4.14 -9.80 -28.90
CA VAL B 228 3.20 -10.78 -28.36
C VAL B 228 2.63 -11.57 -29.54
N ARG B 229 2.55 -12.90 -29.38
CA ARG B 229 1.95 -13.78 -30.36
C ARG B 229 0.73 -14.49 -29.80
N LEU B 230 -0.40 -14.38 -30.51
CA LEU B 230 -1.65 -15.03 -30.09
C LEU B 230 -1.91 -16.33 -30.88
N SER B 231 -2.18 -17.39 -30.13
CA SER B 231 -2.37 -18.71 -30.73
C SER B 231 -3.76 -19.26 -30.46
N LEU B 232 -4.61 -19.17 -31.47
CA LEU B 232 -5.97 -19.72 -31.43
C LEU B 232 -6.14 -20.81 -32.48
N GLY B 233 -5.10 -21.04 -33.27
CA GLY B 233 -5.24 -21.94 -34.41
C GLY B 233 -5.39 -21.18 -35.73
N THR B 234 -5.74 -21.91 -36.79
CA THR B 234 -5.86 -21.35 -38.13
C THR B 234 -6.96 -22.07 -38.90
N GLY B 235 -7.39 -21.48 -40.02
CA GLY B 235 -8.31 -22.13 -40.94
C GLY B 235 -9.65 -22.45 -40.32
N PRO B 236 -10.21 -23.62 -40.63
CA PRO B 236 -11.51 -23.95 -40.02
C PRO B 236 -11.39 -24.26 -38.53
N GLY B 237 -10.18 -24.41 -38.02
CA GLY B 237 -10.01 -24.82 -36.63
C GLY B 237 -9.70 -23.73 -35.62
N VAL B 238 -9.92 -22.46 -35.99
CA VAL B 238 -9.64 -21.36 -35.06
C VAL B 238 -10.64 -21.35 -33.91
N GLY B 239 -10.12 -21.39 -32.69
CA GLY B 239 -10.94 -21.36 -31.49
C GLY B 239 -11.40 -22.75 -31.08
N LYS B 240 -11.12 -23.74 -31.94
CA LYS B 240 -11.68 -25.08 -31.76
C LYS B 240 -11.08 -25.84 -30.58
N ASP B 241 -9.88 -25.45 -30.17
CA ASP B 241 -9.17 -26.15 -29.10
C ASP B 241 -9.65 -25.71 -27.73
N GLY B 242 -10.37 -24.59 -27.69
CA GLY B 242 -10.84 -24.05 -26.43
C GLY B 242 -9.75 -23.38 -25.62
N LEU B 243 -8.60 -23.14 -26.26
CA LEU B 243 -7.47 -22.52 -25.60
C LEU B 243 -6.99 -21.30 -26.35
N LEU B 244 -6.58 -20.28 -25.60
CA LEU B 244 -5.83 -19.19 -26.15
C LEU B 244 -4.38 -19.28 -25.66
N GLY B 245 -3.45 -19.35 -26.59
CA GLY B 245 -2.03 -19.29 -26.28
C GLY B 245 -1.50 -17.87 -26.42
N ILE B 246 -0.70 -17.46 -25.45
CA ILE B 246 0.01 -16.18 -25.52
C ILE B 246 1.51 -16.42 -25.35
N SER B 247 2.32 -15.97 -26.29
CA SER B 247 3.76 -16.20 -26.18
C SER B 247 4.59 -15.01 -26.64
N GLY B 248 5.84 -15.00 -26.22
CA GLY B 248 6.76 -13.92 -26.53
C GLY B 248 7.87 -13.89 -25.51
N ASN B 249 9.08 -13.54 -25.95
CA ASN B 249 10.20 -13.33 -25.04
C ASN B 249 10.51 -14.57 -24.18
N GLY B 250 10.50 -15.76 -24.79
CA GLY B 250 10.78 -16.99 -24.09
C GLY B 250 9.63 -17.52 -23.23
N LYS B 251 8.58 -16.73 -23.10
CA LYS B 251 7.45 -17.07 -22.24
C LYS B 251 6.22 -17.53 -23.02
N ARG B 252 5.47 -18.47 -22.46
CA ARG B 252 4.22 -18.92 -23.08
CA ARG B 252 4.18 -18.83 -23.07
C ARG B 252 3.17 -19.27 -22.02
N SER B 253 1.91 -19.01 -22.32
CA SER B 253 0.84 -19.34 -21.41
C SER B 253 -0.39 -19.79 -22.17
N THR B 254 -1.29 -20.48 -21.47
CA THR B 254 -2.53 -20.89 -22.08
C THR B 254 -3.67 -20.56 -21.15
N THR B 255 -4.77 -20.11 -21.71
CA THR B 255 -5.97 -19.90 -20.92
C THR B 255 -7.16 -20.53 -21.66
N ARG B 256 -8.04 -21.15 -20.90
CA ARG B 256 -9.22 -21.76 -21.49
C ARG B 256 -10.19 -20.68 -21.87
N LEU B 257 -10.90 -20.89 -22.96
CA LEU B 257 -11.85 -19.92 -23.49
C LEU B 257 -13.16 -20.06 -22.75
N LEU B 258 -13.89 -18.97 -22.60
CA LEU B 258 -15.24 -19.03 -22.03
C LEU B 258 -16.23 -19.59 -23.05
N ASP B 259 -17.13 -20.44 -22.58
CA ASP B 259 -18.09 -21.13 -23.42
C ASP B 259 -19.38 -20.32 -23.58
N ALA B 260 -19.25 -18.99 -23.51
CA ALA B 260 -20.42 -18.13 -23.52
C ALA B 260 -20.45 -17.26 -24.77
N GLU B 261 -21.65 -16.81 -25.13
CA GLU B 261 -21.79 -15.89 -26.26
CA GLU B 261 -21.83 -15.89 -26.25
C GLU B 261 -21.79 -14.45 -25.74
N PHE B 262 -21.17 -13.56 -26.50
CA PHE B 262 -21.06 -12.17 -26.08
C PHE B 262 -22.17 -11.32 -26.71
N PRO B 263 -22.67 -10.31 -25.98
CA PRO B 263 -23.79 -9.54 -26.54
C PRO B 263 -23.38 -8.76 -27.79
N LYS B 264 -24.32 -8.55 -28.71
CA LYS B 264 -24.08 -7.66 -29.84
C LYS B 264 -24.10 -6.24 -29.31
N PHE B 265 -23.16 -5.42 -29.78
CA PHE B 265 -22.98 -4.08 -29.22
C PHE B 265 -22.85 -2.98 -30.27
N ARG B 266 -22.49 -3.32 -31.50
CA ARG B 266 -22.25 -2.31 -32.53
C ARG B 266 -23.47 -1.44 -32.80
N GLN B 267 -24.66 -1.98 -32.56
CA GLN B 267 -25.88 -1.21 -32.80
C GLN B 267 -26.05 -0.08 -31.77
N LEU B 268 -25.19 -0.05 -30.76
CA LEU B 268 -25.26 0.96 -29.71
C LEU B 268 -24.40 2.17 -30.00
N LEU B 269 -23.65 2.11 -31.10
CA LEU B 269 -22.71 3.18 -31.48
C LEU B 269 -23.31 4.07 -32.56
N PRO B 270 -23.91 5.21 -32.15
CA PRO B 270 -24.67 6.04 -33.08
C PRO B 270 -23.83 6.71 -34.16
N THR B 271 -24.50 7.05 -35.25
CA THR B 271 -23.85 7.73 -36.34
C THR B 271 -23.64 9.19 -35.93
N GLU B 272 -24.47 9.65 -35.01
CA GLU B 272 -24.47 11.05 -34.64
C GLU B 272 -25.07 11.27 -33.25
N HIS B 273 -24.94 12.51 -32.78
CA HIS B 273 -25.34 12.84 -31.41
C HIS B 273 -26.21 14.08 -31.39
N THR B 274 -27.11 14.15 -30.42
CA THR B 274 -27.92 15.33 -30.22
C THR B 274 -27.12 16.39 -29.51
N ALA B 275 -26.12 15.98 -28.74
CA ALA B 275 -25.20 16.92 -28.10
C ALA B 275 -23.81 16.31 -27.94
N VAL B 276 -22.78 17.14 -28.07
CA VAL B 276 -21.40 16.70 -27.91
C VAL B 276 -20.65 17.63 -26.98
N ALA B 277 -20.00 17.05 -25.98
CA ALA B 277 -19.20 17.84 -25.04
C ALA B 277 -17.74 17.43 -25.09
N THR B 278 -16.84 18.40 -25.25
CA THR B 278 -15.42 18.10 -25.26
C THR B 278 -14.69 18.83 -24.13
N MET B 279 -13.84 18.12 -23.40
CA MET B 279 -13.15 18.74 -22.27
C MET B 279 -11.86 18.04 -21.88
N ASP B 280 -11.20 18.59 -20.87
CA ASP B 280 -9.90 18.12 -20.43
C ASP B 280 -10.06 16.94 -19.50
N VAL B 281 -9.33 15.87 -19.80
CA VAL B 281 -9.49 14.64 -19.03
C VAL B 281 -8.96 14.78 -17.62
N ALA B 282 -7.75 15.35 -17.48
CA ALA B 282 -7.10 15.43 -16.18
C ALA B 282 -7.90 16.27 -15.19
N GLU B 283 -8.41 17.42 -15.63
CA GLU B 283 -9.16 18.26 -14.71
C GLU B 283 -10.52 17.66 -14.37
N LEU B 284 -11.18 17.01 -15.32
CA LEU B 284 -12.46 16.35 -15.03
C LEU B 284 -12.30 15.23 -14.00
N ILE B 285 -11.26 14.42 -14.16
CA ILE B 285 -11.01 13.32 -13.22
C ILE B 285 -10.84 13.87 -11.79
N GLU B 286 -10.09 14.96 -11.66
CA GLU B 286 -9.81 15.53 -10.34
C GLU B 286 -11.07 16.16 -9.75
N ALA B 287 -11.85 16.83 -10.58
CA ALA B 287 -13.08 17.48 -10.12
C ALA B 287 -14.09 16.44 -9.64
N ILE B 288 -14.17 15.32 -10.34
CA ILE B 288 -14.99 14.18 -9.91
C ILE B 288 -14.55 13.62 -8.56
N LYS B 289 -13.25 13.38 -8.42
CA LYS B 289 -12.69 12.93 -7.14
C LYS B 289 -13.11 13.87 -5.99
N LEU B 290 -13.07 15.16 -6.28
CA LEU B 290 -13.35 16.20 -5.32
C LEU B 290 -14.83 16.27 -4.94
N VAL B 291 -15.73 16.34 -5.93
CA VAL B 291 -17.13 16.50 -5.57
C VAL B 291 -17.70 15.19 -4.99
N ALA B 292 -17.18 14.05 -5.43
CA ALA B 292 -17.68 12.74 -4.99
C ALA B 292 -17.42 12.52 -3.52
N LEU B 293 -16.57 13.34 -2.92
CA LEU B 293 -16.30 13.27 -1.50
C LEU B 293 -17.57 13.35 -0.66
N VAL B 294 -18.64 13.88 -1.25
CA VAL B 294 -19.89 14.04 -0.54
C VAL B 294 -21.04 13.26 -1.20
N ALA B 295 -20.69 12.45 -2.20
CA ALA B 295 -21.69 11.66 -2.91
C ALA B 295 -22.28 10.60 -1.99
N ASP B 296 -23.62 10.50 -2.01
CA ASP B 296 -24.35 9.51 -1.23
C ASP B 296 -23.94 8.09 -1.63
N ARG B 297 -23.10 7.48 -0.80
CA ARG B 297 -22.57 6.14 -1.06
C ARG B 297 -21.75 6.09 -2.35
N GLY B 298 -21.39 7.27 -2.87
CA GLY B 298 -20.67 7.36 -4.14
C GLY B 298 -21.53 6.86 -5.29
N ALA B 299 -22.84 6.98 -5.14
CA ALA B 299 -23.76 6.45 -6.11
C ALA B 299 -23.76 7.28 -7.39
N GLN B 300 -23.68 8.61 -7.26
CA GLN B 300 -23.71 9.43 -8.47
C GLN B 300 -23.13 10.84 -8.40
N VAL B 301 -22.73 11.31 -9.58
CA VAL B 301 -22.38 12.71 -9.77
CA VAL B 301 -22.37 12.70 -9.78
C VAL B 301 -23.24 13.27 -10.90
N ARG B 302 -23.67 14.51 -10.75
CA ARG B 302 -24.52 15.15 -11.73
C ARG B 302 -23.67 16.04 -12.63
N MET B 303 -24.02 16.05 -13.92
CA MET B 303 -23.37 16.97 -14.85
C MET B 303 -24.43 17.78 -15.59
N GLU B 304 -24.35 19.10 -15.43
CA GLU B 304 -25.24 20.03 -16.11
C GLU B 304 -24.48 20.76 -17.20
N PHE B 305 -24.58 20.25 -18.42
CA PHE B 305 -23.92 20.84 -19.57
C PHE B 305 -24.69 22.02 -20.17
N ALA B 306 -23.95 23.06 -20.54
CA ALA B 306 -24.48 24.19 -21.30
C ALA B 306 -23.32 24.87 -21.99
N ASP B 307 -23.61 25.80 -22.90
CA ASP B 307 -22.57 26.43 -23.71
C ASP B 307 -21.45 27.01 -22.87
N GLY B 308 -20.24 26.51 -23.09
CA GLY B 308 -19.07 26.99 -22.39
C GLY B 308 -18.72 26.28 -21.09
N SER B 309 -19.73 25.88 -20.32
CA SER B 309 -19.52 25.41 -18.96
C SER B 309 -20.29 24.14 -18.61
N VAL B 310 -19.73 23.33 -17.72
CA VAL B 310 -20.49 22.24 -17.14
C VAL B 310 -20.36 22.26 -15.63
N ARG B 311 -21.50 22.15 -14.96
CA ARG B 311 -21.52 22.09 -13.51
C ARG B 311 -21.56 20.65 -13.05
N LEU B 312 -20.47 20.26 -12.39
CA LEU B 312 -20.32 18.95 -11.81
C LEU B 312 -20.78 19.06 -10.36
N SER B 313 -21.75 18.26 -9.96
CA SER B 313 -22.23 18.32 -8.59
C SER B 313 -22.49 16.94 -7.97
N ALA B 314 -22.53 16.89 -6.63
CA ALA B 314 -22.85 15.65 -5.92
C ALA B 314 -23.41 15.95 -4.54
N GLY B 315 -23.93 14.90 -3.91
CA GLY B 315 -24.32 14.97 -2.52
C GLY B 315 -25.73 15.42 -2.28
N ALA B 316 -26.10 15.50 -1.01
CA ALA B 316 -27.39 16.01 -0.58
C ALA B 316 -27.20 16.82 0.70
N ASP B 317 -28.23 17.56 1.11
CA ASP B 317 -28.08 18.50 2.23
C ASP B 317 -27.86 17.87 3.60
N ASP B 318 -28.07 16.56 3.72
CA ASP B 318 -27.98 15.90 5.03
C ASP B 318 -26.55 15.53 5.43
N VAL B 319 -25.68 15.31 4.45
CA VAL B 319 -24.28 14.94 4.68
C VAL B 319 -23.37 16.03 4.11
N GLY B 320 -23.73 16.54 2.95
CA GLY B 320 -23.01 17.63 2.33
C GLY B 320 -23.25 17.69 0.84
N ARG B 321 -23.09 18.89 0.27
CA ARG B 321 -23.17 19.08 -1.17
C ARG B 321 -21.86 19.65 -1.70
N ALA B 322 -21.53 19.31 -2.94
CA ALA B 322 -20.34 19.86 -3.58
C ALA B 322 -20.61 20.10 -5.04
N GLU B 323 -20.03 21.17 -5.57
CA GLU B 323 -20.13 21.43 -6.99
C GLU B 323 -18.94 22.19 -7.52
N GLU B 324 -18.65 21.99 -8.80
CA GLU B 324 -17.60 22.71 -9.48
C GLU B 324 -17.97 22.95 -10.94
N ASP B 325 -17.71 24.16 -11.41
CA ASP B 325 -17.91 24.51 -12.80
C ASP B 325 -16.61 24.36 -13.57
N LEU B 326 -16.69 23.63 -14.67
CA LEU B 326 -15.56 23.37 -15.55
C LEU B 326 -15.84 23.87 -16.96
N VAL B 327 -14.79 24.28 -17.66
CA VAL B 327 -14.91 24.72 -19.04
C VAL B 327 -15.19 23.52 -19.97
N VAL B 328 -16.10 23.72 -20.91
CA VAL B 328 -16.44 22.68 -21.89
CA VAL B 328 -16.41 22.68 -21.89
C VAL B 328 -16.65 23.27 -23.28
N ASP B 329 -16.12 22.60 -24.29
CA ASP B 329 -16.48 22.88 -25.66
C ASP B 329 -17.77 22.10 -25.90
N TYR B 330 -18.90 22.81 -25.93
CA TYR B 330 -20.18 22.11 -25.92
C TYR B 330 -21.03 22.46 -27.14
N ALA B 331 -21.67 21.45 -27.71
CA ALA B 331 -22.56 21.68 -28.84
C ALA B 331 -23.90 21.00 -28.59
N GLY B 332 -24.98 21.74 -28.84
CA GLY B 332 -26.32 21.24 -28.63
C GLY B 332 -27.04 22.01 -27.53
N GLU B 333 -28.27 21.60 -27.23
CA GLU B 333 -29.05 22.21 -26.16
C GLU B 333 -28.55 21.76 -24.79
N PRO B 334 -28.81 22.56 -23.75
CA PRO B 334 -28.37 22.18 -22.40
C PRO B 334 -28.85 20.78 -22.02
N LEU B 335 -28.05 20.12 -21.20
CA LEU B 335 -28.28 18.72 -20.86
C LEU B 335 -27.84 18.41 -19.43
N THR B 336 -28.74 17.77 -18.68
CA THR B 336 -28.44 17.27 -17.35
C THR B 336 -28.42 15.75 -17.37
N ILE B 337 -27.28 15.18 -16.99
CA ILE B 337 -27.10 13.73 -16.94
C ILE B 337 -26.20 13.37 -15.76
N ALA B 338 -26.51 12.25 -15.09
CA ALA B 338 -25.74 11.77 -13.95
C ALA B 338 -25.07 10.43 -14.25
N PHE B 339 -23.95 10.18 -13.58
CA PHE B 339 -23.15 8.98 -13.78
C PHE B 339 -22.70 8.38 -12.45
N ASN B 340 -22.41 7.08 -12.46
CA ASN B 340 -21.62 6.47 -11.40
C ASN B 340 -20.22 7.09 -11.46
N PRO B 341 -19.80 7.82 -10.42
CA PRO B 341 -18.50 8.52 -10.49
C PRO B 341 -17.31 7.59 -10.76
N THR B 342 -17.31 6.39 -10.21
CA THR B 342 -16.22 5.44 -10.43
C THR B 342 -16.21 4.93 -11.86
N TYR B 343 -17.39 4.56 -12.37
CA TYR B 343 -17.49 4.12 -13.75
C TYR B 343 -17.04 5.21 -14.70
N LEU B 344 -17.34 6.45 -14.33
CA LEU B 344 -16.98 7.60 -15.16
C LEU B 344 -15.46 7.81 -15.16
N THR B 345 -14.83 7.76 -14.00
CA THR B 345 -13.38 7.96 -13.95
C THR B 345 -12.61 6.81 -14.59
N ASP B 346 -13.10 5.56 -14.40
CA ASP B 346 -12.60 4.39 -15.11
C ASP B 346 -12.54 4.62 -16.63
N GLY B 347 -13.64 5.13 -17.19
CA GLY B 347 -13.69 5.43 -18.61
C GLY B 347 -12.72 6.54 -18.99
N LEU B 348 -12.70 7.62 -18.20
CA LEU B 348 -11.80 8.73 -18.48
C LEU B 348 -10.34 8.25 -18.47
N SER B 349 -9.99 7.40 -17.50
CA SER B 349 -8.63 6.90 -17.35
C SER B 349 -8.28 5.89 -18.43
N SER B 350 -9.29 5.40 -19.13
CA SER B 350 -9.04 4.38 -20.11
C SER B 350 -8.74 5.01 -21.47
N LEU B 351 -8.96 6.32 -21.58
CA LEU B 351 -8.81 7.05 -22.84
C LEU B 351 -7.37 7.25 -23.29
N ARG B 352 -6.48 7.48 -22.33
CA ARG B 352 -5.06 7.65 -22.58
C ARG B 352 -4.80 8.84 -23.52
N SER B 353 -5.64 9.88 -23.38
CA SER B 353 -5.52 11.07 -24.21
C SER B 353 -5.81 12.30 -23.36
N GLU B 354 -5.44 13.47 -23.87
CA GLU B 354 -5.54 14.71 -23.10
C GLU B 354 -6.99 15.13 -22.89
N ARG B 355 -7.82 14.90 -23.90
CA ARG B 355 -9.18 15.40 -23.93
C ARG B 355 -10.18 14.27 -24.20
N VAL B 356 -11.43 14.49 -23.83
CA VAL B 356 -12.49 13.52 -24.01
C VAL B 356 -13.67 14.18 -24.71
N SER B 357 -14.33 13.45 -25.61
CA SER B 357 -15.64 13.89 -26.04
C SER B 357 -16.74 12.96 -25.49
N PHE B 358 -17.83 13.57 -25.04
CA PHE B 358 -19.04 12.86 -24.69
C PHE B 358 -20.05 13.01 -25.83
N GLY B 359 -20.48 11.90 -26.42
CA GLY B 359 -21.56 11.94 -27.38
C GLY B 359 -22.86 11.54 -26.71
N PHE B 360 -23.87 12.41 -26.78
CA PHE B 360 -25.16 12.12 -26.18
C PHE B 360 -26.25 11.89 -27.23
N THR B 361 -27.10 10.91 -26.98
CA THR B 361 -28.37 10.76 -27.68
C THR B 361 -29.41 11.30 -26.72
N THR B 362 -29.02 11.33 -25.45
CA THR B 362 -29.86 11.83 -24.35
C THR B 362 -31.03 10.86 -24.11
N ALA B 363 -32.00 11.27 -23.30
CA ALA B 363 -33.16 10.45 -22.97
C ALA B 363 -32.78 9.12 -22.33
N GLY B 364 -31.93 9.17 -21.30
CA GLY B 364 -31.54 7.98 -20.56
C GLY B 364 -30.92 6.88 -21.41
N LYS B 365 -30.27 7.29 -22.50
CA LYS B 365 -29.50 6.40 -23.35
C LYS B 365 -28.04 6.54 -22.93
N PRO B 366 -27.18 5.58 -23.30
CA PRO B 366 -25.75 5.68 -22.94
C PRO B 366 -25.06 6.94 -23.46
N ALA B 367 -24.02 7.39 -22.77
CA ALA B 367 -23.11 8.39 -23.31
C ALA B 367 -21.87 7.71 -23.92
N LEU B 368 -21.38 8.22 -25.06
CA LEU B 368 -20.17 7.68 -25.66
C LEU B 368 -18.97 8.52 -25.33
N LEU B 369 -17.98 7.94 -24.66
CA LEU B 369 -16.72 8.62 -24.40
C LEU B 369 -15.71 8.18 -25.42
N ARG B 370 -15.13 9.15 -26.12
CA ARG B 370 -14.06 8.91 -27.08
C ARG B 370 -12.87 9.80 -26.76
N PRO B 371 -11.65 9.33 -27.07
CA PRO B 371 -10.41 10.10 -26.86
C PRO B 371 -10.29 11.25 -27.86
N VAL B 372 -9.89 12.43 -27.36
CA VAL B 372 -9.62 13.58 -28.22
C VAL B 372 -8.19 14.08 -27.99
N SER B 373 -7.48 14.42 -29.07
CA SER B 373 -6.10 14.88 -28.96
C SER B 373 -6.05 16.37 -28.64
N GLY B 374 -4.96 16.81 -28.04
CA GLY B 374 -4.79 18.20 -27.67
C GLY B 374 -4.96 19.20 -28.78
N ASP B 375 -4.55 18.84 -30.01
CA ASP B 375 -4.61 19.75 -31.14
C ASP B 375 -5.76 19.47 -32.11
N GLY B 384 -23.51 24.60 -35.43
CA GLY B 384 -24.31 24.31 -34.26
C GLY B 384 -25.62 23.61 -34.58
N ASN B 385 -26.52 23.61 -33.59
CA ASN B 385 -27.86 22.99 -33.67
C ASN B 385 -27.85 21.46 -33.80
N GLY B 386 -27.05 20.92 -34.71
CA GLY B 386 -26.93 19.48 -34.83
C GLY B 386 -28.05 18.83 -35.63
N PRO B 387 -28.09 17.49 -35.67
CA PRO B 387 -27.22 16.56 -34.93
C PRO B 387 -25.76 16.57 -35.40
N PHE B 388 -24.87 16.12 -34.53
CA PHE B 388 -23.44 16.17 -34.78
C PHE B 388 -22.93 14.77 -35.09
N PRO B 389 -22.31 14.61 -36.26
CA PRO B 389 -21.76 13.30 -36.61
C PRO B 389 -20.68 12.88 -35.63
N ALA B 390 -20.69 11.61 -35.25
CA ALA B 390 -19.65 11.03 -34.42
C ALA B 390 -18.32 11.08 -35.16
N VAL B 391 -17.22 11.17 -34.41
CA VAL B 391 -15.88 11.14 -35.01
C VAL B 391 -15.34 9.73 -34.84
N SER B 392 -14.69 9.21 -35.88
CA SER B 392 -14.18 7.85 -35.85
C SER B 392 -12.95 7.71 -34.96
N THR B 393 -12.97 6.74 -34.04
CA THR B 393 -11.80 6.49 -33.19
C THR B 393 -11.57 5.00 -33.03
N ASP B 394 -10.37 4.63 -32.61
CA ASP B 394 -10.06 3.22 -32.43
CA ASP B 394 -10.06 3.22 -32.44
C ASP B 394 -10.48 2.72 -31.04
N TYR B 395 -10.96 3.64 -30.20
CA TYR B 395 -11.43 3.30 -28.85
C TYR B 395 -12.68 4.06 -28.47
N VAL B 396 -13.59 3.39 -27.77
CA VAL B 396 -14.78 4.05 -27.28
C VAL B 396 -15.20 3.37 -25.96
N TYR B 397 -15.68 4.18 -25.01
CA TYR B 397 -16.18 3.68 -23.75
C TYR B 397 -17.60 4.14 -23.61
N LEU B 398 -18.52 3.19 -23.72
CA LEU B 398 -19.94 3.43 -23.63
C LEU B 398 -20.38 3.42 -22.17
N LEU B 399 -20.99 4.50 -21.68
CA LEU B 399 -21.34 4.59 -20.27
C LEU B 399 -22.81 4.92 -20.04
N MET B 400 -23.50 4.04 -19.32
CA MET B 400 -24.91 4.23 -19.02
C MET B 400 -25.06 5.32 -17.94
N PRO B 401 -26.06 6.21 -18.08
CA PRO B 401 -26.33 7.13 -16.97
C PRO B 401 -27.03 6.43 -15.81
N VAL B 402 -27.13 7.11 -14.67
CA VAL B 402 -28.01 6.68 -13.58
C VAL B 402 -29.15 7.70 -13.47
N ARG B 403 -30.26 7.31 -12.86
CA ARG B 403 -31.40 8.22 -12.69
C ARG B 403 -31.22 9.18 -11.53
N LEU B 404 -31.60 10.44 -11.76
CA LEU B 404 -31.60 11.47 -10.71
C LEU B 404 -32.53 11.08 -9.56
N PRO B 405 -32.09 11.32 -8.31
CA PRO B 405 -32.85 10.93 -7.11
C PRO B 405 -33.89 11.99 -6.70
C ACE C 1 10.63 -20.94 24.09
O ACE C 1 11.44 -20.39 23.36
CH3 ACE C 1 10.76 -22.40 24.42
N MVA C 2 9.53 -20.21 24.54
CN MVA C 2 8.94 -20.70 25.80
CA MVA C 2 9.65 -18.71 24.45
CB MVA C 2 8.44 -18.26 23.62
CG1 MVA C 2 8.46 -16.82 23.08
CG2 MVA C 2 8.22 -19.25 22.45
C MVA C 2 9.70 -18.04 25.80
O MVA C 2 8.72 -17.46 26.22
C MP8 C 3 10.63 -15.97 27.82
N MP8 C 3 10.80 -18.20 26.62
O MP8 C 3 10.82 -15.37 26.77
CA MP8 C 3 10.93 -17.45 27.90
CB MP8 C 3 12.41 -17.71 28.24
CD MP8 C 3 12.11 -18.28 25.92
CE MP8 C 3 14.45 -18.50 26.90
CG MP8 C 3 13.13 -17.73 26.90
N NZC C 4 10.06 -15.32 28.92
O NZC C 4 12.40 -14.03 30.06
OG1 NZC C 4 9.23 -13.37 31.09
C NZC C 4 11.57 -13.33 29.50
CA NZC C 4 10.25 -13.83 28.95
CB NZC C 4 9.08 -13.16 29.69
CG2 NZC C 4 7.75 -13.76 29.24
C40 NZC C 4 10.23 -16.05 30.22
N LEU C 5 11.75 -12.02 29.34
CA LEU C 5 12.80 -11.30 30.03
C LEU C 5 12.66 -11.43 31.52
C MP8 C 6 13.11 -10.55 34.50
N MP8 C 6 13.74 -11.31 32.38
O MP8 C 6 13.77 -10.12 35.43
CA MP8 C 6 13.51 -11.81 33.77
CB MP8 C 6 14.88 -12.28 34.24
CD MP8 C 6 15.07 -11.73 31.91
CE MP8 C 6 17.24 -12.26 33.14
CG MP8 C 6 15.84 -11.63 33.21
N LEU C 7 12.04 -9.92 34.04
CA LEU C 7 11.41 -8.83 34.75
C LEU C 7 10.83 -9.31 36.06
N MVA C 8 11.26 -8.72 37.25
CN MVA C 8 11.52 -7.26 37.09
CA MVA C 8 10.51 -9.09 38.50
CB MVA C 8 11.58 -9.43 39.52
CG1 MVA C 8 12.51 -10.50 38.96
CG2 MVA C 8 10.99 -9.90 40.85
C MVA C 8 9.64 -8.01 39.07
O MVA C 8 10.11 -7.07 39.70
N PRO C 9 8.28 -7.98 38.84
CA PRO C 9 7.62 -9.27 38.60
C PRO C 9 7.40 -9.25 37.12
N MLU C 10 6.59 -10.16 36.47
CN MLU C 10 6.76 -11.57 36.94
CA MLU C 10 6.62 -9.99 35.00
C MLU C 10 7.07 -11.25 34.27
O MLU C 10 6.28 -12.01 33.73
CB MLU C 10 5.20 -9.69 34.55
CG MLU C 10 5.00 -8.49 33.64
CD1 MLU C 10 3.97 -8.81 32.57
CD2 MLU C 10 6.28 -7.89 33.04
N GLY C 11 8.37 -11.50 34.24
CA GLY C 11 8.87 -12.58 33.44
C GLY C 11 8.73 -12.33 31.95
C ACE D 1 -30.90 3.79 -11.35
O ACE D 1 -30.13 4.64 -11.75
CH3 ACE D 1 -32.27 4.14 -10.86
N MVA D 2 -30.49 2.46 -11.27
CN MVA D 2 -31.62 1.52 -11.50
CA MVA D 2 -29.31 2.13 -12.10
CB MVA D 2 -28.41 1.35 -11.14
CG1 MVA D 2 -26.99 1.07 -11.65
CG2 MVA D 2 -28.37 2.06 -9.78
C MVA D 2 -29.68 1.31 -13.32
O MVA D 2 -29.46 0.11 -13.35
C MP8 D 3 -29.29 0.38 -16.21
N MP8 D 3 -30.35 1.89 -14.38
O MP8 D 3 -28.16 0.83 -16.08
CA MP8 D 3 -30.50 1.13 -15.67
CB MP8 D 3 -30.95 2.24 -16.63
CD MP8 D 3 -29.96 3.27 -14.69
CE MP8 D 3 -30.91 4.76 -16.53
CG MP8 D 3 -30.18 3.47 -16.18
N NZC D 4 -29.46 -0.85 -16.81
O NZC D 4 -29.17 -0.17 -19.64
OG1 NZC D 4 -29.22 -3.22 -18.39
C NZC D 4 -28.24 -0.76 -19.10
CA NZC D 4 -28.28 -1.23 -17.66
CB NZC D 4 -28.11 -2.74 -17.67
CG2 NZC D 4 -28.19 -3.38 -16.29
C40 NZC D 4 -30.83 -1.05 -17.37
N LEU D 5 -27.12 -1.03 -19.77
CA LEU D 5 -26.94 -0.81 -21.20
C LEU D 5 -28.02 -1.52 -21.98
C MP8 D 6 -29.08 -2.91 -24.62
N MP8 D 6 -28.34 -1.11 -23.26
O MP8 D 6 -29.31 -2.96 -25.82
CA MP8 D 6 -29.56 -1.75 -23.83
CB MP8 D 6 -30.13 -0.72 -24.78
CD MP8 D 6 -28.45 0.35 -23.47
CE MP8 D 6 -29.65 1.74 -25.24
CG MP8 D 6 -29.08 0.39 -24.86
N LEU D 7 -28.39 -3.85 -24.00
CA LEU D 7 -27.86 -4.98 -24.74
C LEU D 7 -28.97 -5.99 -24.91
N MVA D 8 -29.27 -6.49 -26.18
CN MVA D 8 -28.05 -6.70 -27.01
CA MVA D 8 -30.28 -7.60 -26.18
CB MVA D 8 -31.29 -7.18 -27.24
CG1 MVA D 8 -31.70 -5.72 -27.00
CG2 MVA D 8 -32.50 -8.12 -27.30
C MVA D 8 -29.80 -9.01 -26.48
O MVA D 8 -29.39 -9.27 -27.60
N PRO D 9 -29.80 -10.07 -25.57
CA PRO D 9 -30.54 -9.93 -24.30
C PRO D 9 -29.59 -9.22 -23.35
N MLU D 10 -30.04 -8.51 -22.25
CN MLU D 10 -31.19 -9.10 -21.51
CA MLU D 10 -28.94 -8.12 -21.32
C MLU D 10 -29.53 -7.07 -20.43
O MLU D 10 -29.77 -7.28 -19.24
CB MLU D 10 -28.46 -9.27 -20.44
CG MLU D 10 -26.94 -9.50 -20.46
CD1 MLU D 10 -26.41 -9.86 -19.08
CD2 MLU D 10 -26.13 -8.35 -21.05
N GLY D 11 -29.79 -5.90 -20.97
CA GLY D 11 -30.15 -4.77 -20.14
C GLY D 11 -28.99 -4.34 -19.25
O6 BU3 E . 9.31 24.61 28.70
C3 BU3 E . 9.29 24.78 30.10
C4 BU3 E . 8.40 25.95 30.47
C2 BU3 E . 10.67 25.06 30.62
O5 BU3 E . 10.80 26.44 30.90
C1 BU3 E . 11.73 24.59 29.64
C TRS F . 20.85 3.38 29.40
C1 TRS F . 19.77 3.12 28.39
C2 TRS F . 22.17 2.71 29.02
C3 TRS F . 21.01 4.88 29.53
N TRS F . 20.38 2.89 30.70
O1 TRS F . 19.91 4.03 27.33
O2 TRS F . 22.34 1.49 29.71
O3 TRS F . 19.84 5.34 30.15
#